data_5FV0
#
_entry.id   5FV0
#
_cell.length_a   85.917
_cell.length_b   152.372
_cell.length_c   207.205
_cell.angle_alpha   90.00
_cell.angle_beta   90.00
_cell.angle_gamma   90.00
#
_symmetry.space_group_name_H-M   'I 2 2 2'
#
loop_
_entity.id
_entity.type
_entity.pdbx_description
1 polymer 'ESX secretion system protein EccC'
2 non-polymer "3'-O-[2-(METHYLAMINO)BENZOYL]ADENOSINE 5'-(TETRAHYDROGEN TRIPHOSPHATE)"
3 non-polymer 'PENTAETHYLENE GLYCOL'
4 non-polymer "ADENOSINE-5'-TRIPHOSPHATE"
5 water water
#
_entity_poly.entity_id   1
_entity_poly.type   'polypeptide(L)'
_entity_poly.pdbx_seq_one_letter_code
;GSMAEANAFPIGLKDEPELQSQSDYFYQWLEDGNIGIFGSAGYGKSTTMMTLLLSFAGAYNPAQLHYYIFDFGNSALLPL
RQLPHTADYFRLDDEKKIEKFIKFMKEEMEQRKQRFMEKEVSTIKLYNALSEEKLPIIIVALDNFDVVKEEMPDFETQLI
QYARDGQSLGIFFIMTATRVSGIRPPLMNNLKTKIVHYFIDSSEKFSLIGRTPYDVDPIPGRALIKKDNAALTQIYLPAD
GEDDIEVLENVKREMERLKEVYQHIPKPKPIPMLPPRLSMSVFTNTYVQHRASGFIPVGLDEQTVRPVAINMRTDPHCLI
VGQSRKGKTNVVKVILESLLVQEPESIGLLDGIDRGLAGYANRDDITYIEAKERLAQWLNEADAVLQQREREYIQAVNEN
RATTLAWPPVVFVVDSLLRLQQETDSIMQGRIANMMKQYSHLGFHVFVAGNANEFVKGFDALTAELKQIRQAILVTKKSE
QSLFALPFTRNEQEIEPGFGYFVVGGKDQKIQIPKVE
;
_entity_poly.pdbx_strand_id   A,B
#
# COMPACT_ATOMS: atom_id res chain seq x y z
N ALA A 6 -1.66 47.36 -10.78
CA ALA A 6 -1.83 46.32 -11.83
C ALA A 6 -0.49 45.65 -12.15
N ASN A 7 0.48 46.45 -12.56
CA ASN A 7 1.82 45.96 -12.90
C ASN A 7 2.83 46.31 -11.81
N ALA A 8 2.92 47.59 -11.49
CA ALA A 8 3.85 48.08 -10.46
C ALA A 8 3.23 47.92 -9.06
N PHE A 9 3.70 46.91 -8.34
CA PHE A 9 3.21 46.63 -6.98
C PHE A 9 4.10 47.32 -5.94
N PRO A 10 3.53 48.26 -5.15
CA PRO A 10 4.31 48.93 -4.11
C PRO A 10 4.50 48.05 -2.88
N ILE A 11 5.74 47.71 -2.58
CA ILE A 11 6.06 46.76 -1.50
C ILE A 11 6.70 47.40 -0.26
N GLY A 12 7.15 48.64 -0.38
CA GLY A 12 7.78 49.33 0.75
C GLY A 12 8.07 50.81 0.50
N LEU A 13 8.33 51.54 1.58
CA LEU A 13 8.67 52.96 1.50
C LEU A 13 10.19 53.13 1.57
N LYS A 14 10.77 53.70 0.53
CA LYS A 14 12.22 53.87 0.45
C LYS A 14 12.69 55.09 1.25
N ASP A 15 13.79 54.93 1.98
CA ASP A 15 14.35 56.00 2.81
C ASP A 15 15.20 56.95 1.97
N GLU A 16 14.94 58.25 2.11
CA GLU A 16 15.67 59.29 1.39
C GLU A 16 15.87 60.52 2.26
N SER A 21 9.01 64.89 0.97
CA SER A 21 8.21 63.69 0.77
C SER A 21 9.04 62.55 0.18
N GLN A 22 8.49 61.34 0.22
CA GLN A 22 9.16 60.15 -0.28
C GLN A 22 8.22 59.32 -1.17
N SER A 23 8.80 58.47 -2.02
CA SER A 23 8.05 57.64 -2.95
C SER A 23 8.12 56.17 -2.56
N ASP A 24 7.20 55.37 -3.09
CA ASP A 24 7.13 53.95 -2.81
C ASP A 24 8.09 53.16 -3.70
N TYR A 25 8.61 52.05 -3.17
CA TYR A 25 9.43 51.13 -3.95
C TYR A 25 8.51 50.17 -4.68
N PHE A 26 8.55 50.20 -6.01
CA PHE A 26 7.66 49.40 -6.85
C PHE A 26 8.34 48.14 -7.37
N TYR A 27 7.60 47.04 -7.35
CA TYR A 27 8.03 45.78 -7.96
C TYR A 27 7.26 45.58 -9.27
N GLN A 28 7.97 45.69 -10.39
CA GLN A 28 7.36 45.49 -11.71
C GLN A 28 7.03 44.02 -11.94
N TRP A 29 5.83 43.77 -12.47
CA TRP A 29 5.36 42.42 -12.74
C TRP A 29 6.15 41.81 -13.90
N LEU A 30 6.63 40.58 -13.70
CA LEU A 30 7.45 39.85 -14.69
C LEU A 30 8.86 40.41 -14.86
N GLU A 31 8.97 41.70 -15.18
CA GLU A 31 10.26 42.36 -15.44
C GLU A 31 11.28 42.20 -14.31
N ASP A 32 10.83 42.34 -13.07
CA ASP A 32 11.72 42.25 -11.90
C ASP A 32 12.02 40.81 -11.45
N GLY A 33 11.43 39.83 -12.12
CA GLY A 33 11.83 38.43 -11.97
C GLY A 33 11.57 37.82 -10.61
N ASN A 34 12.42 36.87 -10.22
CA ASN A 34 12.30 36.16 -8.96
C ASN A 34 12.76 37.00 -7.77
N ILE A 35 12.11 36.79 -6.62
CA ILE A 35 12.40 37.57 -5.41
C ILE A 35 13.15 36.70 -4.40
N GLY A 36 14.18 37.28 -3.77
CA GLY A 36 14.99 36.58 -2.78
C GLY A 36 15.01 37.33 -1.46
N ILE A 37 14.23 36.85 -0.49
CA ILE A 37 14.16 37.46 0.82
C ILE A 37 15.28 36.91 1.71
N PHE A 38 16.03 37.80 2.35
CA PHE A 38 17.18 37.41 3.18
C PHE A 38 17.20 38.19 4.48
N GLY A 39 17.76 37.57 5.53
CA GLY A 39 17.89 38.23 6.83
C GLY A 39 17.93 37.26 8.00
N SER A 40 18.33 37.77 9.16
CA SER A 40 18.36 36.96 10.39
C SER A 40 16.95 36.73 10.94
N ALA A 41 16.85 35.87 11.94
CA ALA A 41 15.57 35.53 12.55
C ALA A 41 14.94 36.71 13.27
N GLY A 42 13.63 36.86 13.09
CA GLY A 42 12.87 37.94 13.71
C GLY A 42 13.13 39.32 13.13
N TYR A 43 13.31 39.39 11.81
CA TYR A 43 13.53 40.67 11.12
C TYR A 43 12.65 40.86 9.87
N GLY A 44 11.56 40.09 9.78
CA GLY A 44 10.53 40.33 8.77
C GLY A 44 10.73 39.65 7.42
N LYS A 45 11.12 38.39 7.44
CA LYS A 45 11.22 37.60 6.21
C LYS A 45 9.84 37.07 5.78
N SER A 46 9.12 36.48 6.73
CA SER A 46 7.79 35.92 6.46
C SER A 46 6.73 37.00 6.24
N THR A 47 6.91 38.17 6.85
CA THR A 47 6.01 39.30 6.64
C THR A 47 6.15 39.84 5.21
N THR A 48 7.38 39.92 4.74
CA THR A 48 7.66 40.32 3.35
C THR A 48 7.06 39.32 2.37
N MET A 49 7.18 38.03 2.68
CA MET A 49 6.54 36.97 1.91
C MET A 49 5.02 37.15 1.86
N MET A 50 4.42 37.39 3.02
N MET A 50 4.43 37.40 3.02
CA MET A 50 2.98 37.57 3.15
CA MET A 50 2.97 37.56 3.13
C MET A 50 2.48 38.85 2.47
C MET A 50 2.47 38.84 2.48
N THR A 51 3.28 39.91 2.52
CA THR A 51 2.93 41.17 1.87
C THR A 51 2.94 41.05 0.34
N LEU A 52 3.93 40.32 -0.19
CA LEU A 52 4.05 40.10 -1.63
C LEU A 52 2.87 39.30 -2.18
N LEU A 53 2.61 38.15 -1.57
CA LEU A 53 1.58 37.23 -2.05
C LEU A 53 0.17 37.82 -1.98
N LEU A 54 -0.10 38.62 -0.94
CA LEU A 54 -1.39 39.31 -0.82
C LEU A 54 -1.53 40.44 -1.84
N SER A 55 -0.44 41.16 -2.09
CA SER A 55 -0.44 42.27 -3.05
C SER A 55 -0.77 41.80 -4.47
N PHE A 56 -0.16 40.69 -4.88
CA PHE A 56 -0.41 40.12 -6.21
C PHE A 56 -1.80 39.52 -6.30
N ALA A 57 -2.27 38.95 -5.19
CA ALA A 57 -3.60 38.35 -5.12
C ALA A 57 -4.72 39.39 -5.32
N GLY A 58 -4.48 40.61 -4.85
CA GLY A 58 -5.46 41.69 -4.98
C GLY A 58 -5.65 42.19 -6.40
N ALA A 59 -4.62 42.02 -7.24
CA ALA A 59 -4.67 42.49 -8.63
C ALA A 59 -5.16 41.41 -9.59
N TYR A 60 -4.57 40.22 -9.51
CA TYR A 60 -4.85 39.14 -10.45
C TYR A 60 -5.81 38.09 -9.87
N ASN A 61 -6.49 37.37 -10.77
CA ASN A 61 -7.48 36.37 -10.38
C ASN A 61 -6.82 35.08 -9.88
N PRO A 62 -7.61 34.19 -9.26
CA PRO A 62 -7.14 32.83 -8.98
C PRO A 62 -6.86 32.03 -10.26
N ALA A 63 -7.63 32.29 -11.32
CA ALA A 63 -7.41 31.64 -12.62
C ALA A 63 -6.18 32.17 -13.34
N GLN A 64 -5.79 33.41 -13.02
CA GLN A 64 -4.61 34.04 -13.61
C GLN A 64 -3.34 33.77 -12.80
N LEU A 65 -3.47 33.67 -11.48
CA LEU A 65 -2.33 33.52 -10.59
C LEU A 65 -2.52 32.34 -9.63
N HIS A 66 -1.60 31.38 -9.70
CA HIS A 66 -1.61 30.18 -8.85
C HIS A 66 -0.47 30.25 -7.84
N TYR A 67 -0.75 29.90 -6.58
CA TYR A 67 0.29 29.80 -5.56
C TYR A 67 0.51 28.35 -5.13
N TYR A 68 1.75 28.05 -4.75
CA TYR A 68 2.10 26.77 -4.12
C TYR A 68 3.04 27.07 -2.96
N ILE A 69 2.47 27.23 -1.77
CA ILE A 69 3.21 27.70 -0.60
C ILE A 69 3.87 26.54 0.15
N PHE A 70 5.19 26.59 0.24
CA PHE A 70 5.98 25.61 0.98
C PHE A 70 6.47 26.22 2.30
N ASP A 71 5.64 26.12 3.32
CA ASP A 71 5.93 26.70 4.63
C ASP A 71 6.68 25.69 5.50
N PHE A 72 8.01 25.79 5.49
CA PHE A 72 8.86 24.96 6.34
C PHE A 72 9.42 25.74 7.54
N GLY A 73 8.94 26.97 7.73
CA GLY A 73 9.39 27.80 8.85
C GLY A 73 8.72 27.41 10.16
N ASN A 74 7.68 28.16 10.53
CA ASN A 74 6.94 27.90 11.77
C ASN A 74 5.47 28.33 11.64
N SER A 75 4.82 27.85 10.59
CA SER A 75 3.41 28.15 10.31
C SER A 75 3.12 29.65 10.19
N ALA A 76 4.06 30.39 9.61
CA ALA A 76 3.91 31.83 9.40
C ALA A 76 2.98 32.13 8.22
N LEU A 77 2.96 31.22 7.25
CA LEU A 77 2.12 31.35 6.05
C LEU A 77 0.85 30.49 6.14
N LEU A 78 0.47 30.08 7.34
CA LEU A 78 -0.72 29.26 7.54
C LEU A 78 -2.02 30.00 7.18
N PRO A 79 -2.10 31.32 7.47
CA PRO A 79 -3.29 32.07 7.04
C PRO A 79 -3.50 32.08 5.53
N LEU A 80 -2.42 32.15 4.76
CA LEU A 80 -2.49 32.18 3.29
C LEU A 80 -3.12 30.93 2.67
N ARG A 81 -3.23 29.85 3.45
CA ARG A 81 -3.93 28.63 3.01
C ARG A 81 -5.40 28.91 2.66
N GLN A 82 -5.99 29.91 3.31
CA GLN A 82 -7.38 30.30 3.07
C GLN A 82 -7.60 31.02 1.72
N LEU A 83 -6.54 31.54 1.12
CA LEU A 83 -6.64 32.25 -0.16
C LEU A 83 -7.20 31.35 -1.27
N PRO A 84 -7.97 31.94 -2.20
CA PRO A 84 -8.44 31.20 -3.38
C PRO A 84 -7.34 30.99 -4.42
N HIS A 85 -6.28 31.80 -4.34
CA HIS A 85 -5.14 31.69 -5.27
C HIS A 85 -4.26 30.47 -4.97
N THR A 86 -4.23 30.05 -3.71
CA THR A 86 -3.40 28.91 -3.30
C THR A 86 -3.95 27.58 -3.77
N ALA A 87 -3.16 26.87 -4.58
CA ALA A 87 -3.53 25.55 -5.06
C ALA A 87 -3.36 24.51 -3.96
N ASP A 88 -2.18 24.50 -3.34
CA ASP A 88 -1.88 23.57 -2.26
C ASP A 88 -0.86 24.15 -1.28
N TYR A 89 -0.91 23.67 -0.04
CA TYR A 89 -0.06 24.17 1.04
C TYR A 89 0.77 23.01 1.61
N PHE A 90 2.10 23.18 1.62
CA PHE A 90 3.01 22.10 1.97
C PHE A 90 3.72 22.36 3.30
N ARG A 91 3.94 21.28 4.05
CA ARG A 91 4.73 21.31 5.29
C ARG A 91 5.87 20.31 5.18
N LEU A 92 6.75 20.30 6.18
CA LEU A 92 7.88 19.36 6.23
C LEU A 92 7.43 17.90 6.30
N ASP A 93 6.32 17.65 6.99
CA ASP A 93 5.78 16.30 7.14
C ASP A 93 5.18 15.76 5.84
N ASP A 94 4.67 16.65 4.99
CA ASP A 94 4.04 16.26 3.73
C ASP A 94 5.09 15.94 2.66
N GLU A 95 5.78 14.81 2.83
CA GLU A 95 6.85 14.41 1.90
C GLU A 95 6.30 13.83 0.61
N LYS A 96 5.27 12.97 0.72
CA LYS A 96 4.64 12.36 -0.45
C LYS A 96 3.98 13.39 -1.35
N LYS A 97 3.46 14.46 -0.74
CA LYS A 97 2.83 15.55 -1.49
C LYS A 97 3.87 16.38 -2.24
N ILE A 98 5.03 16.59 -1.61
CA ILE A 98 6.15 17.31 -2.26
C ILE A 98 6.74 16.48 -3.40
N GLU A 99 6.82 15.17 -3.23
CA GLU A 99 7.31 14.27 -4.28
C GLU A 99 6.40 14.30 -5.52
N LYS A 100 5.09 14.38 -5.29
CA LYS A 100 4.12 14.47 -6.39
C LYS A 100 4.19 15.85 -7.07
N PHE A 101 4.46 16.89 -6.29
CA PHE A 101 4.62 18.24 -6.84
C PHE A 101 5.81 18.32 -7.80
N ILE A 102 6.90 17.62 -7.47
CA ILE A 102 8.07 17.57 -8.35
C ILE A 102 7.70 16.95 -9.70
N LYS A 103 6.91 15.87 -9.65
CA LYS A 103 6.39 15.23 -10.86
C LYS A 103 5.44 16.17 -11.61
N PHE A 104 4.58 16.86 -10.86
CA PHE A 104 3.62 17.81 -11.43
C PHE A 104 4.30 18.94 -12.21
N MET A 105 5.33 19.54 -11.60
CA MET A 105 6.04 20.66 -12.22
C MET A 105 6.84 20.25 -13.45
N LYS A 106 7.46 19.06 -13.40
CA LYS A 106 8.19 18.54 -14.55
C LYS A 106 7.27 18.37 -15.77
N GLU A 107 6.07 17.82 -15.52
CA GLU A 107 5.06 17.67 -16.58
C GLU A 107 4.49 19.02 -17.02
N GLU A 108 4.27 19.92 -16.06
CA GLU A 108 3.71 21.24 -16.34
C GLU A 108 4.67 22.10 -17.16
N MET A 109 5.96 22.06 -16.80
CA MET A 109 6.99 22.79 -17.54
C MET A 109 7.23 22.18 -18.91
N GLU A 110 7.23 20.86 -19.00
CA GLU A 110 7.38 20.16 -20.27
C GLU A 110 6.21 20.45 -21.21
N GLN A 111 5.00 20.45 -20.65
CA GLN A 111 3.80 20.79 -21.43
C GLN A 111 3.81 22.24 -21.89
N ARG A 112 4.32 23.13 -21.03
CA ARG A 112 4.46 24.55 -21.37
C ARG A 112 5.43 24.76 -22.54
N LYS A 113 6.58 24.09 -22.47
CA LYS A 113 7.60 24.18 -23.54
C LYS A 113 7.06 23.72 -24.90
N GLN A 114 6.18 22.73 -24.88
CA GLN A 114 5.54 22.24 -26.11
C GLN A 114 4.59 23.29 -26.69
N ARG A 115 3.75 23.87 -25.83
CA ARG A 115 2.79 24.89 -26.25
C ARG A 115 3.49 26.15 -26.76
N PHE A 116 4.62 26.49 -26.13
CA PHE A 116 5.44 27.62 -26.56
C PHE A 116 6.06 27.38 -27.93
N MET A 117 6.57 26.17 -28.14
CA MET A 117 7.21 25.80 -29.40
C MET A 117 6.18 25.59 -30.53
N GLU A 118 4.97 25.15 -30.17
CA GLU A 118 3.89 24.99 -31.14
C GLU A 118 3.47 26.32 -31.75
N LYS A 119 3.44 27.38 -30.94
CA LYS A 119 3.03 28.71 -31.38
C LYS A 119 4.22 29.67 -31.54
N GLU A 120 5.43 29.14 -31.54
CA GLU A 120 6.65 29.93 -31.78
C GLU A 120 6.75 31.17 -30.90
N VAL A 121 6.90 30.96 -29.59
CA VAL A 121 7.04 32.06 -28.63
C VAL A 121 8.06 31.72 -27.54
N SER A 122 8.69 32.75 -26.99
CA SER A 122 9.72 32.58 -25.98
C SER A 122 9.18 32.81 -24.57
N THR A 123 8.49 33.94 -24.37
CA THR A 123 7.99 34.34 -23.06
C THR A 123 6.51 34.01 -22.87
N ILE A 124 6.08 33.98 -21.61
CA ILE A 124 4.68 33.76 -21.25
C ILE A 124 3.79 34.95 -21.64
N LYS A 125 4.35 36.15 -21.61
CA LYS A 125 3.63 37.36 -21.98
C LYS A 125 3.13 37.30 -23.42
N LEU A 126 3.96 36.75 -24.32
CA LEU A 126 3.58 36.56 -25.71
C LEU A 126 2.49 35.49 -25.85
N TYR A 127 2.73 34.31 -25.27
CA TYR A 127 1.79 33.19 -25.38
C TYR A 127 0.36 33.58 -24.97
N ASN A 128 0.23 34.20 -23.80
CA ASN A 128 -1.07 34.63 -23.29
C ASN A 128 -1.73 35.70 -24.14
N ALA A 129 -0.92 36.55 -24.78
CA ALA A 129 -1.43 37.60 -25.66
C ALA A 129 -2.05 37.02 -26.94
N LEU A 130 -1.34 36.10 -27.58
CA LEU A 130 -1.81 35.50 -28.83
C LEU A 130 -2.86 34.42 -28.58
N SER A 131 -2.61 33.53 -27.62
CA SER A 131 -3.54 32.44 -27.31
C SER A 131 -4.78 32.96 -26.59
N GLU A 132 -5.95 32.47 -27.00
CA GLU A 132 -7.21 32.85 -26.35
C GLU A 132 -7.37 32.17 -25.00
N GLU A 133 -6.89 30.94 -24.89
CA GLU A 133 -6.87 30.21 -23.62
C GLU A 133 -5.58 30.56 -22.88
N LYS A 134 -5.71 31.32 -21.79
CA LYS A 134 -4.54 31.80 -21.04
C LYS A 134 -4.00 30.73 -20.10
N LEU A 135 -2.70 30.83 -19.80
CA LEU A 135 -2.05 29.97 -18.80
C LEU A 135 -1.83 30.78 -17.52
N PRO A 136 -2.01 30.14 -16.35
CA PRO A 136 -1.85 30.84 -15.08
C PRO A 136 -0.39 31.03 -14.69
N ILE A 137 -0.07 32.18 -14.09
CA ILE A 137 1.25 32.42 -13.53
C ILE A 137 1.38 31.62 -12.25
N ILE A 138 2.50 30.90 -12.10
CA ILE A 138 2.70 30.00 -10.97
C ILE A 138 3.86 30.48 -10.10
N ILE A 139 3.55 31.08 -8.96
CA ILE A 139 4.57 31.49 -7.99
C ILE A 139 4.78 30.35 -6.99
N VAL A 140 6.04 29.94 -6.83
CA VAL A 140 6.42 28.90 -5.88
C VAL A 140 7.01 29.56 -4.64
N ALA A 141 6.16 29.84 -3.65
CA ALA A 141 6.58 30.46 -2.40
C ALA A 141 7.21 29.42 -1.48
N LEU A 142 8.40 29.72 -0.96
CA LEU A 142 9.14 28.79 -0.11
C LEU A 142 9.69 29.49 1.13
N ASP A 143 9.04 29.27 2.28
CA ASP A 143 9.50 29.84 3.53
C ASP A 143 10.56 28.93 4.16
N ASN A 144 11.66 29.53 4.60
CA ASN A 144 12.80 28.80 5.18
C ASN A 144 13.48 27.87 4.16
N PHE A 145 14.47 28.40 3.47
CA PHE A 145 15.25 27.64 2.49
C PHE A 145 16.35 26.80 3.16
N ASP A 146 16.78 27.21 4.35
CA ASP A 146 17.87 26.53 5.06
C ASP A 146 17.55 25.06 5.34
N VAL A 147 16.31 24.79 5.74
CA VAL A 147 15.86 23.42 6.01
C VAL A 147 15.81 22.56 4.73
N VAL A 148 15.51 23.19 3.60
CA VAL A 148 15.52 22.50 2.30
C VAL A 148 16.94 22.20 1.87
N LYS A 149 17.84 23.18 2.06
CA LYS A 149 19.25 23.03 1.71
C LYS A 149 19.91 21.82 2.37
N GLU A 150 19.59 21.59 3.64
CA GLU A 150 20.23 20.53 4.42
C GLU A 150 19.52 19.18 4.29
N GLU A 151 18.21 19.17 4.55
CA GLU A 151 17.45 17.92 4.67
C GLU A 151 16.81 17.43 3.37
N MET A 152 16.69 18.29 2.37
CA MET A 152 15.99 17.94 1.12
C MET A 152 16.81 18.33 -0.12
N PRO A 153 17.87 17.56 -0.43
CA PRO A 153 18.71 17.84 -1.59
C PRO A 153 18.03 17.53 -2.94
N ASP A 154 17.09 16.59 -2.94
CA ASP A 154 16.31 16.27 -4.15
C ASP A 154 15.42 17.43 -4.56
N PHE A 155 14.73 18.02 -3.58
CA PHE A 155 13.87 19.18 -3.81
C PHE A 155 14.70 20.41 -4.16
N GLU A 156 15.87 20.55 -3.55
CA GLU A 156 16.79 21.66 -3.83
C GLU A 156 17.19 21.70 -5.31
N THR A 157 17.46 20.54 -5.88
CA THR A 157 17.83 20.42 -7.30
C THR A 157 16.73 20.97 -8.21
N GLN A 158 15.48 20.71 -7.83
CA GLN A 158 14.32 21.17 -8.60
C GLN A 158 14.10 22.68 -8.46
N LEU A 159 14.39 23.23 -7.28
CA LEU A 159 14.25 24.66 -7.03
C LEU A 159 15.19 25.50 -7.89
N ILE A 160 16.37 24.96 -8.20
CA ILE A 160 17.32 25.62 -9.08
C ILE A 160 16.79 25.63 -10.51
N GLN A 161 16.13 24.54 -10.90
CA GLN A 161 15.53 24.43 -12.23
C GLN A 161 14.32 25.36 -12.39
N TYR A 162 13.53 25.53 -11.32
CA TYR A 162 12.37 26.42 -11.35
C TYR A 162 12.79 27.88 -11.48
N ALA A 163 13.83 28.27 -10.74
CA ALA A 163 14.33 29.64 -10.77
C ALA A 163 14.98 30.00 -12.11
N ARG A 164 15.69 29.04 -12.70
CA ARG A 164 16.43 29.28 -13.94
C ARG A 164 15.51 29.24 -15.17
N ASP A 165 14.81 28.11 -15.34
CA ASP A 165 14.03 27.85 -16.56
C ASP A 165 12.57 28.31 -16.46
N GLY A 166 12.04 28.39 -15.24
CA GLY A 166 10.61 28.66 -15.04
C GLY A 166 10.16 30.06 -15.38
N GLN A 167 10.97 31.07 -15.06
CA GLN A 167 10.59 32.47 -15.26
C GLN A 167 10.14 32.81 -16.68
N SER A 168 10.78 32.21 -17.68
CA SER A 168 10.42 32.41 -19.08
C SER A 168 9.07 31.75 -19.41
N LEU A 169 8.79 30.62 -18.75
CA LEU A 169 7.54 29.87 -18.95
C LEU A 169 6.39 30.36 -18.06
N GLY A 170 6.62 31.44 -17.32
CA GLY A 170 5.58 32.00 -16.43
C GLY A 170 5.49 31.29 -15.10
N ILE A 171 6.64 30.86 -14.58
CA ILE A 171 6.71 30.17 -13.30
C ILE A 171 7.78 30.84 -12.43
N PHE A 172 7.36 31.78 -11.60
CA PHE A 172 8.29 32.54 -10.76
C PHE A 172 8.50 31.86 -9.41
N PHE A 173 9.50 32.33 -8.67
CA PHE A 173 9.97 31.66 -7.46
C PHE A 173 10.34 32.67 -6.38
N ILE A 174 9.77 32.49 -5.19
CA ILE A 174 10.07 33.35 -4.05
C ILE A 174 10.54 32.47 -2.89
N MET A 175 11.57 32.93 -2.16
CA MET A 175 12.10 32.18 -1.03
C MET A 175 12.72 33.08 0.04
N THR A 176 12.62 32.63 1.29
CA THR A 176 13.29 33.27 2.42
C THR A 176 14.45 32.39 2.87
N ALA A 177 15.56 33.02 3.27
CA ALA A 177 16.75 32.29 3.70
C ALA A 177 17.47 33.02 4.83
N THR A 178 17.82 32.27 5.88
CA THR A 178 18.51 32.83 7.04
C THR A 178 20.03 32.85 6.82
N ARG A 179 20.54 31.89 6.06
CA ARG A 179 21.98 31.78 5.80
C ARG A 179 22.24 31.74 4.29
N VAL A 180 22.69 32.86 3.73
CA VAL A 180 22.99 32.95 2.30
C VAL A 180 24.31 32.26 1.93
N SER A 181 25.25 32.23 2.87
CA SER A 181 26.53 31.54 2.67
C SER A 181 26.30 30.04 2.63
N GLY A 182 26.28 29.48 1.42
CA GLY A 182 25.94 28.08 1.20
C GLY A 182 25.01 27.88 0.01
N ILE A 183 24.25 28.92 -0.32
CA ILE A 183 23.37 28.90 -1.49
C ILE A 183 24.21 28.92 -2.77
N ARG A 184 23.85 28.08 -3.73
CA ARG A 184 24.59 27.96 -4.99
C ARG A 184 24.43 29.22 -5.85
N PRO A 185 25.52 29.69 -6.49
CA PRO A 185 25.48 30.81 -7.43
C PRO A 185 24.39 30.74 -8.51
N PRO A 186 24.17 29.56 -9.11
CA PRO A 186 23.05 29.47 -10.07
C PRO A 186 21.70 29.89 -9.49
N LEU A 187 21.39 29.42 -8.28
CA LEU A 187 20.15 29.81 -7.60
C LEU A 187 20.17 31.29 -7.23
N MET A 188 21.31 31.77 -6.75
CA MET A 188 21.45 33.15 -6.29
C MET A 188 21.38 34.15 -7.44
N ASN A 189 21.94 33.79 -8.59
CA ASN A 189 21.93 34.67 -9.77
C ASN A 189 20.54 34.79 -10.40
N ASN A 190 19.78 33.69 -10.39
CA ASN A 190 18.42 33.68 -10.94
C ASN A 190 17.43 34.47 -10.09
N LEU A 191 17.75 34.65 -8.81
CA LEU A 191 16.97 35.53 -7.93
C LEU A 191 17.24 36.99 -8.32
N LYS A 192 16.45 37.49 -9.27
CA LYS A 192 16.61 38.83 -9.82
C LYS A 192 16.51 39.90 -8.74
N THR A 193 15.37 39.95 -8.05
CA THR A 193 15.17 40.89 -6.95
C THR A 193 15.66 40.28 -5.64
N LYS A 194 16.28 41.10 -4.79
CA LYS A 194 16.83 40.63 -3.52
C LYS A 194 16.49 41.58 -2.38
N ILE A 195 15.54 41.18 -1.54
CA ILE A 195 15.18 41.94 -0.34
C ILE A 195 16.07 41.48 0.82
N VAL A 196 16.97 42.36 1.25
CA VAL A 196 17.98 42.01 2.26
C VAL A 196 17.71 42.71 3.59
N HIS A 197 17.10 41.98 4.52
CA HIS A 197 16.89 42.48 5.89
C HIS A 197 18.18 42.40 6.70
N TYR A 198 18.13 42.88 7.94
CA TYR A 198 19.32 42.94 8.81
C TYR A 198 19.93 41.55 9.06
N PHE A 199 21.26 41.54 9.19
CA PHE A 199 22.02 40.32 9.51
C PHE A 199 22.88 40.57 10.75
N ILE A 200 23.05 39.54 11.56
CA ILE A 200 23.88 39.63 12.77
C ILE A 200 25.35 39.48 12.39
N ASP A 201 25.67 38.40 11.67
CA ASP A 201 27.06 38.12 11.28
C ASP A 201 27.51 39.05 10.16
N SER A 202 28.76 39.51 10.26
CA SER A 202 29.35 40.42 9.28
C SER A 202 29.68 39.72 7.97
N SER A 203 30.10 38.46 8.06
CA SER A 203 30.45 37.65 6.89
C SER A 203 29.25 37.39 5.99
N GLU A 204 28.06 37.32 6.59
CA GLU A 204 26.83 37.08 5.85
C GLU A 204 26.45 38.30 4.99
N LYS A 205 26.70 39.50 5.52
CA LYS A 205 26.45 40.74 4.79
C LYS A 205 27.37 40.91 3.59
N PHE A 206 28.63 40.51 3.75
CA PHE A 206 29.66 40.72 2.73
C PHE A 206 29.35 39.98 1.41
N SER A 207 28.76 38.80 1.52
CA SER A 207 28.40 38.00 0.34
C SER A 207 27.24 38.60 -0.46
N LEU A 208 26.35 39.32 0.23
CA LEU A 208 25.19 39.95 -0.41
C LEU A 208 25.48 41.30 -1.07
N ILE A 209 26.69 41.81 -0.90
CA ILE A 209 27.10 43.05 -1.57
C ILE A 209 27.13 42.83 -3.09
N GLY A 210 27.69 41.70 -3.50
CA GLY A 210 27.77 41.35 -4.92
C GLY A 210 28.97 41.98 -5.59
N ARG A 211 28.92 42.09 -6.91
CA ARG A 211 30.02 42.64 -7.69
C ARG A 211 30.10 44.16 -7.57
N THR A 212 31.32 44.68 -7.57
CA THR A 212 31.59 46.11 -7.43
C THR A 212 32.73 46.49 -8.38
N PRO A 213 33.02 47.80 -8.53
CA PRO A 213 34.15 48.22 -9.36
C PRO A 213 35.51 47.64 -8.95
N TYR A 214 35.63 47.20 -7.69
CA TYR A 214 36.83 46.53 -7.20
C TYR A 214 37.07 45.17 -7.87
N ASP A 215 36.00 44.51 -8.31
CA ASP A 215 36.09 43.22 -9.00
C ASP A 215 36.65 43.33 -10.42
N VAL A 216 36.61 44.54 -11.00
CA VAL A 216 37.09 44.77 -12.35
C VAL A 216 38.62 44.74 -12.39
N ASP A 217 39.18 43.82 -13.17
CA ASP A 217 40.63 43.72 -13.37
C ASP A 217 41.08 44.72 -14.43
N PRO A 218 42.39 45.07 -14.44
CA PRO A 218 42.91 45.98 -15.46
C PRO A 218 43.06 45.30 -16.82
N ILE A 219 41.95 45.15 -17.52
CA ILE A 219 41.91 44.53 -18.85
C ILE A 219 40.96 45.33 -19.74
N PRO A 220 41.47 45.95 -20.83
CA PRO A 220 40.62 46.68 -21.76
C PRO A 220 39.43 45.85 -22.23
N GLY A 221 38.22 46.31 -21.89
CA GLY A 221 36.99 45.57 -22.20
C GLY A 221 36.26 45.13 -20.94
N ARG A 222 37.03 44.79 -19.91
CA ARG A 222 36.47 44.37 -18.62
C ARG A 222 35.79 45.54 -17.93
N ALA A 223 34.56 45.34 -17.47
CA ALA A 223 33.79 46.40 -16.80
C ALA A 223 32.62 45.87 -15.99
N LEU A 224 32.24 46.65 -14.97
CA LEU A 224 31.02 46.40 -14.20
C LEU A 224 29.89 47.21 -14.81
N ILE A 225 28.72 46.58 -14.98
CA ILE A 225 27.55 47.28 -15.52
C ILE A 225 26.46 47.38 -14.45
N LYS A 226 26.34 48.56 -13.86
CA LYS A 226 25.31 48.82 -12.85
C LYS A 226 24.00 49.23 -13.51
N LYS A 227 23.00 48.35 -13.43
CA LYS A 227 21.69 48.62 -14.03
C LYS A 227 20.92 49.65 -13.21
N ASP A 228 20.82 49.40 -11.90
CA ASP A 228 20.07 50.28 -11.00
C ASP A 228 20.69 50.24 -9.61
N ASN A 229 20.61 51.35 -8.89
CA ASN A 229 21.16 51.46 -7.54
C ASN A 229 20.26 50.78 -6.51
N ALA A 230 20.87 50.27 -5.44
CA ALA A 230 20.13 49.67 -4.33
C ALA A 230 19.49 50.77 -3.49
N ALA A 231 18.40 50.41 -2.80
CA ALA A 231 17.64 51.38 -2.01
C ALA A 231 17.26 50.81 -0.64
N LEU A 232 17.52 51.59 0.41
CA LEU A 232 17.08 51.23 1.76
C LEU A 232 15.57 51.43 1.85
N THR A 233 14.86 50.36 2.19
CA THR A 233 13.40 50.35 2.13
C THR A 233 12.78 49.76 3.39
N GLN A 234 11.69 50.38 3.85
CA GLN A 234 10.84 49.81 4.89
C GLN A 234 9.67 49.09 4.23
N ILE A 235 9.66 47.76 4.34
CA ILE A 235 8.63 46.94 3.71
C ILE A 235 7.30 47.13 4.45
N TYR A 236 6.23 47.35 3.70
CA TYR A 236 4.90 47.54 4.28
C TYR A 236 4.39 46.25 4.90
N LEU A 237 3.56 46.37 5.92
CA LEU A 237 2.88 45.22 6.50
C LEU A 237 1.75 44.80 5.55
N PRO A 238 1.36 43.51 5.60
CA PRO A 238 0.29 43.02 4.72
C PRO A 238 -1.07 43.67 5.01
N ALA A 239 -1.32 43.99 6.28
CA ALA A 239 -2.52 44.73 6.68
C ALA A 239 -2.18 45.71 7.79
N ASP A 240 -3.02 46.73 7.93
CA ASP A 240 -2.82 47.77 8.96
C ASP A 240 -3.04 47.19 10.35
N GLY A 241 -2.31 47.72 11.33
CA GLY A 241 -2.41 47.25 12.71
C GLY A 241 -1.28 47.77 13.59
N GLU A 242 -1.54 47.82 14.90
CA GLU A 242 -0.57 48.34 15.87
C GLU A 242 0.27 47.24 16.50
N ASP A 243 -0.22 45.99 16.43
CA ASP A 243 0.50 44.84 16.96
C ASP A 243 0.35 43.63 16.02
N ASP A 244 0.97 42.52 16.39
CA ASP A 244 0.97 41.31 15.55
C ASP A 244 -0.41 40.67 15.41
N ILE A 245 -1.25 40.80 16.44
CA ILE A 245 -2.58 40.18 16.45
C ILE A 245 -3.56 40.98 15.59
N GLU A 246 -3.49 42.31 15.68
CA GLU A 246 -4.35 43.18 14.88
C GLU A 246 -4.05 43.04 13.38
N VAL A 247 -2.77 42.90 13.05
CA VAL A 247 -2.36 42.71 11.65
C VAL A 247 -2.85 41.36 11.14
N LEU A 248 -2.62 40.31 11.93
CA LEU A 248 -3.08 38.95 11.58
C LEU A 248 -4.59 38.88 11.42
N GLU A 249 -5.32 39.65 12.23
CA GLU A 249 -6.79 39.69 12.16
C GLU A 249 -7.26 40.38 10.88
N ASN A 250 -6.63 41.51 10.55
CA ASN A 250 -6.94 42.24 9.32
C ASN A 250 -6.43 41.51 8.06
N VAL A 251 -5.41 40.68 8.22
CA VAL A 251 -4.94 39.81 7.14
C VAL A 251 -5.99 38.76 6.83
N LYS A 252 -6.64 38.21 7.85
CA LYS A 252 -7.75 37.27 7.66
C LYS A 252 -8.95 37.95 6.99
N ARG A 253 -9.25 39.17 7.42
CA ARG A 253 -10.35 39.95 6.84
C ARG A 253 -10.06 40.33 5.39
N GLU A 254 -8.79 40.55 5.06
CA GLU A 254 -8.37 40.85 3.69
C GLU A 254 -8.66 39.67 2.75
N MET A 255 -8.39 38.46 3.22
CA MET A 255 -8.62 37.25 2.41
C MET A 255 -10.10 36.94 2.24
N GLU A 256 -10.90 37.25 3.27
CA GLU A 256 -12.35 37.10 3.20
C GLU A 256 -12.96 37.94 2.07
N ARG A 257 -12.35 39.10 1.80
CA ARG A 257 -12.77 39.95 0.69
C ARG A 257 -12.39 39.31 -0.65
N LEU A 258 -11.17 38.79 -0.73
CA LEU A 258 -10.68 38.12 -1.95
C LEU A 258 -11.53 36.89 -2.29
N LYS A 259 -11.98 36.17 -1.26
N LYS A 259 -11.98 36.17 -1.25
CA LYS A 259 -12.88 35.04 -1.44
CA LYS A 259 -12.89 35.04 -1.41
C LYS A 259 -14.25 35.49 -1.99
C LYS A 259 -14.23 35.49 -1.99
N GLU A 260 -14.75 36.61 -1.48
CA GLU A 260 -16.02 37.17 -1.92
C GLU A 260 -15.94 37.76 -3.32
N VAL A 261 -14.84 38.47 -3.61
CA VAL A 261 -14.65 39.12 -4.91
C VAL A 261 -14.46 38.09 -6.04
N TYR A 262 -13.60 37.10 -5.81
CA TYR A 262 -13.34 36.06 -6.79
C TYR A 262 -14.17 34.81 -6.49
N GLN A 263 -15.48 34.95 -6.58
CA GLN A 263 -16.41 33.87 -6.24
C GLN A 263 -16.77 33.00 -7.45
N HIS A 264 -16.98 33.63 -8.61
CA HIS A 264 -17.31 32.90 -9.84
C HIS A 264 -16.07 32.42 -10.59
N ILE A 265 -14.89 32.93 -10.22
CA ILE A 265 -13.65 32.56 -10.89
C ILE A 265 -13.26 31.15 -10.44
N PRO A 266 -12.95 30.25 -11.40
CA PRO A 266 -12.60 28.88 -11.03
C PRO A 266 -11.31 28.78 -10.22
N LYS A 267 -11.36 28.03 -9.12
CA LYS A 267 -10.23 27.92 -8.20
C LYS A 267 -9.25 26.86 -8.69
N PRO A 268 -7.97 26.97 -8.26
CA PRO A 268 -6.95 26.02 -8.70
C PRO A 268 -7.11 24.64 -8.08
N LYS A 269 -6.69 23.61 -8.81
CA LYS A 269 -6.79 22.23 -8.35
C LYS A 269 -5.67 21.93 -7.36
N PRO A 270 -6.01 21.30 -6.20
CA PRO A 270 -4.95 20.78 -5.33
C PRO A 270 -4.19 19.63 -5.98
N ILE A 271 -3.01 19.31 -5.43
CA ILE A 271 -2.18 18.23 -5.98
C ILE A 271 -2.91 16.90 -5.77
N PRO A 272 -3.19 16.15 -6.86
CA PRO A 272 -3.89 14.87 -6.71
C PRO A 272 -3.08 13.84 -5.92
N MET A 273 -3.72 13.20 -4.95
CA MET A 273 -3.08 12.20 -4.09
C MET A 273 -3.98 10.98 -3.93
N LEU A 274 -3.39 9.80 -4.03
CA LEU A 274 -4.12 8.55 -3.80
C LEU A 274 -4.27 8.30 -2.30
N PRO A 275 -5.50 8.04 -1.83
CA PRO A 275 -5.69 7.66 -0.42
C PRO A 275 -5.08 6.29 -0.10
N PRO A 276 -4.72 6.06 1.17
CA PRO A 276 -4.19 4.76 1.58
C PRO A 276 -5.26 3.66 1.56
N ARG A 277 -6.48 4.00 1.96
CA ARG A 277 -7.63 3.11 1.87
C ARG A 277 -8.71 3.77 1.02
N LEU A 278 -9.36 2.97 0.17
CA LEU A 278 -10.41 3.48 -0.71
C LEU A 278 -11.60 2.54 -0.73
N SER A 279 -12.72 2.99 -0.16
CA SER A 279 -13.96 2.22 -0.17
C SER A 279 -14.82 2.62 -1.37
N MET A 280 -15.85 1.81 -1.64
CA MET A 280 -16.75 2.07 -2.76
C MET A 280 -17.70 3.23 -2.46
N SER A 281 -18.12 3.35 -1.21
CA SER A 281 -19.02 4.42 -0.78
C SER A 281 -18.36 5.80 -0.94
N VAL A 282 -17.10 5.90 -0.52
CA VAL A 282 -16.33 7.14 -0.65
C VAL A 282 -16.00 7.41 -2.12
N PHE A 283 -15.69 6.35 -2.86
CA PHE A 283 -15.39 6.44 -4.29
C PHE A 283 -16.58 7.01 -5.08
N THR A 284 -17.77 6.51 -4.79
CA THR A 284 -18.98 6.92 -5.50
C THR A 284 -19.40 8.36 -5.16
N ASN A 285 -19.29 8.73 -3.90
CA ASN A 285 -19.73 10.04 -3.43
C ASN A 285 -18.80 11.18 -3.82
N THR A 286 -17.57 11.14 -3.30
CA THR A 286 -16.63 12.25 -3.44
C THR A 286 -15.98 12.30 -4.83
N TYR A 287 -15.32 11.21 -5.20
CA TYR A 287 -14.52 11.17 -6.43
C TYR A 287 -15.36 11.11 -7.71
N VAL A 288 -16.25 10.13 -7.78
CA VAL A 288 -17.12 9.97 -8.95
C VAL A 288 -18.14 11.09 -9.00
N GLN A 289 -17.95 12.03 -9.92
CA GLN A 289 -18.85 13.18 -10.09
C GLN A 289 -19.22 13.35 -11.57
N HIS A 290 -19.27 12.23 -12.30
CA HIS A 290 -19.67 12.22 -13.70
C HIS A 290 -21.11 11.74 -13.83
N ARG A 291 -21.38 10.54 -13.29
CA ARG A 291 -22.72 9.96 -13.24
C ARG A 291 -23.42 9.97 -14.61
N ALA A 292 -22.70 9.56 -15.65
CA ALA A 292 -23.23 9.53 -17.00
C ALA A 292 -23.80 8.16 -17.34
N SER A 293 -24.81 8.15 -18.22
CA SER A 293 -25.43 6.91 -18.66
C SER A 293 -24.51 6.16 -19.62
N GLY A 294 -24.41 4.84 -19.42
CA GLY A 294 -23.54 4.00 -20.24
C GLY A 294 -22.07 4.15 -19.87
N PHE A 295 -21.79 4.43 -18.59
CA PHE A 295 -20.43 4.57 -18.09
C PHE A 295 -20.31 3.91 -16.71
N ILE A 296 -19.49 2.86 -16.62
CA ILE A 296 -19.27 2.14 -15.37
C ILE A 296 -17.91 2.53 -14.77
N PRO A 297 -17.92 3.37 -13.72
CA PRO A 297 -16.65 3.72 -13.07
C PRO A 297 -16.06 2.54 -12.30
N VAL A 298 -14.82 2.17 -12.62
CA VAL A 298 -14.18 0.99 -12.02
C VAL A 298 -13.14 1.32 -10.95
N GLY A 299 -12.53 2.51 -11.03
CA GLY A 299 -11.53 2.92 -10.05
C GLY A 299 -10.81 4.20 -10.43
N LEU A 300 -9.95 4.68 -9.52
CA LEU A 300 -9.18 5.89 -9.75
C LEU A 300 -7.87 5.58 -10.47
N ASP A 301 -7.48 6.46 -11.38
CA ASP A 301 -6.19 6.36 -12.07
C ASP A 301 -5.06 6.62 -11.07
N GLU A 302 -3.93 5.95 -11.25
CA GLU A 302 -2.81 6.05 -10.32
C GLU A 302 -2.14 7.42 -10.36
N GLN A 303 -1.89 7.93 -11.57
CA GLN A 303 -1.19 9.20 -11.74
C GLN A 303 -2.09 10.40 -11.53
N THR A 304 -3.14 10.52 -12.35
CA THR A 304 -4.03 11.69 -12.33
C THR A 304 -5.00 11.69 -11.15
N VAL A 305 -5.33 10.51 -10.63
CA VAL A 305 -6.29 10.37 -9.52
C VAL A 305 -7.67 10.89 -9.93
N ARG A 306 -8.21 10.30 -10.99
CA ARG A 306 -9.57 10.60 -11.47
C ARG A 306 -10.28 9.29 -11.84
N PRO A 307 -11.62 9.27 -11.76
CA PRO A 307 -12.35 8.04 -12.05
C PRO A 307 -12.20 7.56 -13.50
N VAL A 308 -11.69 6.34 -13.66
CA VAL A 308 -11.64 5.68 -14.95
C VAL A 308 -12.91 4.83 -15.08
N ALA A 309 -13.53 4.85 -16.26
CA ALA A 309 -14.81 4.18 -16.46
C ALA A 309 -14.88 3.41 -17.78
N ILE A 310 -15.65 2.33 -17.76
CA ILE A 310 -15.91 1.52 -18.96
C ILE A 310 -17.03 2.15 -19.77
N ASN A 311 -16.74 2.48 -21.02
CA ASN A 311 -17.76 2.97 -21.95
C ASN A 311 -18.55 1.78 -22.51
N MET A 312 -19.77 1.60 -22.01
CA MET A 312 -20.60 0.44 -22.36
C MET A 312 -21.07 0.45 -23.82
N ARG A 313 -21.20 1.63 -24.41
CA ARG A 313 -21.66 1.76 -25.80
C ARG A 313 -20.60 1.25 -26.77
N THR A 314 -19.37 1.71 -26.61
CA THR A 314 -18.26 1.33 -27.49
C THR A 314 -17.67 -0.03 -27.11
N ASP A 315 -17.42 -0.22 -25.80
CA ASP A 315 -16.84 -1.44 -25.29
C ASP A 315 -17.80 -2.12 -24.31
N PRO A 316 -18.72 -2.96 -24.84
CA PRO A 316 -19.77 -3.55 -24.01
C PRO A 316 -19.32 -4.69 -23.09
N HIS A 317 -18.38 -5.52 -23.55
CA HIS A 317 -17.91 -6.67 -22.78
C HIS A 317 -16.62 -6.33 -22.02
N CYS A 318 -16.30 -7.14 -21.01
CA CYS A 318 -15.09 -6.93 -20.21
C CYS A 318 -14.69 -8.18 -19.45
N LEU A 319 -13.39 -8.49 -19.44
CA LEU A 319 -12.86 -9.63 -18.71
C LEU A 319 -12.19 -9.22 -17.39
N ILE A 320 -12.34 -10.04 -16.36
CA ILE A 320 -11.70 -9.82 -15.07
C ILE A 320 -10.64 -10.91 -14.86
N VAL A 321 -9.42 -10.63 -15.31
CA VAL A 321 -8.34 -11.63 -15.33
C VAL A 321 -7.44 -11.52 -14.10
N GLY A 322 -7.06 -12.66 -13.54
CA GLY A 322 -6.13 -12.70 -12.41
C GLY A 322 -6.21 -13.99 -11.60
N GLN A 323 -5.20 -14.20 -10.77
CA GLN A 323 -5.14 -15.40 -9.92
C GLN A 323 -5.92 -15.20 -8.61
N SER A 324 -5.87 -13.99 -8.08
CA SER A 324 -6.49 -13.68 -6.78
C SER A 324 -8.00 -13.84 -6.81
N ARG A 325 -8.51 -14.75 -5.98
CA ARG A 325 -9.95 -14.96 -5.85
C ARG A 325 -10.62 -13.73 -5.23
N LYS A 326 -9.97 -13.17 -4.21
CA LYS A 326 -10.47 -11.97 -3.54
C LYS A 326 -10.46 -10.76 -4.48
N GLY A 327 -9.41 -10.64 -5.27
CA GLY A 327 -9.25 -9.53 -6.21
C GLY A 327 -10.32 -9.53 -7.30
N LYS A 328 -10.55 -10.70 -7.90
CA LYS A 328 -11.56 -10.84 -8.95
C LYS A 328 -12.98 -10.59 -8.41
N THR A 329 -13.30 -11.24 -7.30
CA THR A 329 -14.62 -11.09 -6.68
C THR A 329 -14.93 -9.65 -6.30
N ASN A 330 -13.91 -8.92 -5.84
CA ASN A 330 -14.07 -7.51 -5.48
C ASN A 330 -14.39 -6.64 -6.70
N VAL A 331 -13.69 -6.89 -7.81
CA VAL A 331 -13.91 -6.15 -9.05
C VAL A 331 -15.32 -6.39 -9.59
N VAL A 332 -15.83 -7.61 -9.43
CA VAL A 332 -17.19 -7.94 -9.83
C VAL A 332 -18.20 -7.11 -9.03
N LYS A 333 -17.97 -6.98 -7.73
CA LYS A 333 -18.82 -6.17 -6.86
C LYS A 333 -18.77 -4.68 -7.21
N VAL A 334 -17.59 -4.19 -7.59
CA VAL A 334 -17.44 -2.80 -8.02
C VAL A 334 -18.26 -2.53 -9.28
N ILE A 335 -18.29 -3.51 -10.19
CA ILE A 335 -19.09 -3.43 -11.40
C ILE A 335 -20.58 -3.54 -11.08
N LEU A 336 -20.94 -4.51 -10.23
CA LEU A 336 -22.32 -4.71 -9.81
C LEU A 336 -22.90 -3.48 -9.12
N GLU A 337 -22.12 -2.87 -8.22
CA GLU A 337 -22.54 -1.65 -7.53
C GLU A 337 -22.73 -0.49 -8.51
N SER A 338 -21.81 -0.36 -9.46
CA SER A 338 -21.90 0.69 -10.47
C SER A 338 -23.03 0.44 -11.48
N LEU A 339 -23.32 -0.84 -11.75
CA LEU A 339 -24.44 -1.20 -12.62
C LEU A 339 -25.80 -0.90 -11.99
N LEU A 340 -25.88 -0.98 -10.66
CA LEU A 340 -27.11 -0.67 -9.93
C LEU A 340 -27.46 0.83 -9.98
N VAL A 341 -26.45 1.68 -10.13
CA VAL A 341 -26.65 3.13 -10.29
C VAL A 341 -27.35 3.42 -11.62
N GLN A 342 -27.05 2.62 -12.64
CA GLN A 342 -27.73 2.69 -13.93
C GLN A 342 -29.16 2.15 -13.78
N GLU A 343 -29.90 2.11 -14.88
CA GLU A 343 -31.27 1.56 -14.88
C GLU A 343 -31.32 0.32 -15.77
N PRO A 344 -30.80 -0.82 -15.28
CA PRO A 344 -30.72 -2.04 -16.10
C PRO A 344 -32.05 -2.77 -16.24
N GLU A 345 -32.18 -3.53 -17.32
CA GLU A 345 -33.35 -4.37 -17.54
C GLU A 345 -33.26 -5.62 -16.67
N SER A 346 -32.12 -6.30 -16.74
CA SER A 346 -31.89 -7.51 -15.96
C SER A 346 -30.38 -7.78 -15.79
N ILE A 347 -30.02 -8.37 -14.65
CA ILE A 347 -28.64 -8.75 -14.37
C ILE A 347 -28.60 -10.22 -13.95
N GLY A 348 -27.96 -11.05 -14.78
CA GLY A 348 -27.85 -12.48 -14.52
C GLY A 348 -26.54 -12.83 -13.85
N LEU A 349 -26.54 -12.84 -12.52
CA LEU A 349 -25.33 -13.09 -11.74
C LEU A 349 -25.11 -14.59 -11.54
N LEU A 350 -24.05 -15.11 -12.19
CA LEU A 350 -23.63 -16.50 -12.00
C LEU A 350 -22.45 -16.54 -11.04
N ASP A 351 -22.72 -16.86 -9.78
CA ASP A 351 -21.69 -16.88 -8.73
C ASP A 351 -20.86 -18.15 -8.82
N GLY A 352 -19.65 -18.11 -8.25
CA GLY A 352 -18.76 -19.26 -8.21
C GLY A 352 -19.22 -20.32 -7.22
N ILE A 353 -18.40 -21.34 -7.01
CA ILE A 353 -18.74 -22.45 -6.11
C ILE A 353 -18.83 -21.94 -4.67
N ASP A 354 -17.93 -21.02 -4.30
CA ASP A 354 -18.03 -20.30 -3.04
C ASP A 354 -19.07 -19.19 -3.19
N ARG A 355 -20.12 -19.23 -2.36
CA ARG A 355 -21.23 -18.30 -2.48
C ARG A 355 -20.88 -16.96 -1.82
N GLY A 356 -20.01 -16.20 -2.49
CA GLY A 356 -19.53 -14.92 -1.96
C GLY A 356 -20.44 -13.76 -2.27
N LEU A 357 -21.08 -13.79 -3.45
CA LEU A 357 -21.98 -12.73 -3.89
C LEU A 357 -23.45 -13.08 -3.65
N ALA A 358 -23.73 -13.67 -2.49
CA ALA A 358 -25.09 -14.07 -2.13
C ALA A 358 -25.93 -12.88 -1.67
N GLY A 359 -25.26 -11.83 -1.20
CA GLY A 359 -25.95 -10.62 -0.74
C GLY A 359 -26.64 -9.84 -1.84
N TYR A 360 -26.14 -9.95 -3.07
CA TYR A 360 -26.72 -9.27 -4.22
C TYR A 360 -27.94 -10.00 -4.80
N ALA A 361 -28.18 -11.22 -4.34
CA ALA A 361 -29.30 -12.03 -4.84
C ALA A 361 -30.66 -11.42 -4.54
N ASN A 362 -30.85 -10.98 -3.30
CA ASN A 362 -32.13 -10.43 -2.85
C ASN A 362 -32.45 -9.03 -3.39
N ARG A 363 -31.43 -8.34 -3.92
CA ARG A 363 -31.61 -6.99 -4.46
C ARG A 363 -32.41 -7.00 -5.76
N ASP A 364 -33.00 -5.85 -6.10
CA ASP A 364 -33.86 -5.73 -7.27
C ASP A 364 -33.05 -5.72 -8.56
N ASP A 365 -33.69 -6.19 -9.64
CA ASP A 365 -33.07 -6.26 -10.97
C ASP A 365 -31.82 -7.15 -11.00
N ILE A 366 -31.78 -8.19 -10.17
CA ILE A 366 -30.68 -9.14 -10.12
C ILE A 366 -31.21 -10.55 -9.97
N THR A 367 -31.03 -11.38 -11.00
CA THR A 367 -31.38 -12.80 -10.95
C THR A 367 -30.14 -13.60 -10.52
N TYR A 368 -30.19 -14.16 -9.32
CA TYR A 368 -29.08 -14.95 -8.80
C TYR A 368 -29.12 -16.36 -9.39
N ILE A 369 -28.08 -16.73 -10.12
CA ILE A 369 -28.01 -18.01 -10.83
C ILE A 369 -27.06 -18.97 -10.13
N GLU A 370 -27.50 -20.21 -9.95
CA GLU A 370 -26.68 -21.27 -9.36
C GLU A 370 -26.68 -22.50 -10.25
N ALA A 371 -27.85 -23.10 -10.43
CA ALA A 371 -28.01 -24.31 -11.24
C ALA A 371 -28.07 -23.99 -12.73
N LYS A 372 -28.07 -25.04 -13.55
CA LYS A 372 -28.12 -24.91 -15.00
C LYS A 372 -29.52 -24.51 -15.48
N GLU A 373 -30.55 -25.10 -14.87
CA GLU A 373 -31.94 -24.82 -15.25
C GLU A 373 -32.36 -23.36 -15.04
N ARG A 374 -31.83 -22.72 -14.00
N ARG A 374 -31.83 -22.72 -14.00
CA ARG A 374 -32.13 -21.31 -13.70
CA ARG A 374 -32.14 -21.31 -13.71
C ARG A 374 -31.43 -20.38 -14.69
C ARG A 374 -31.44 -20.37 -14.69
N LEU A 375 -30.26 -20.77 -15.16
CA LEU A 375 -29.52 -20.00 -16.17
C LEU A 375 -30.27 -19.97 -17.50
N ALA A 376 -30.82 -21.12 -17.89
CA ALA A 376 -31.61 -21.25 -19.12
C ALA A 376 -32.85 -20.35 -19.09
N GLN A 377 -33.48 -20.26 -17.91
CA GLN A 377 -34.65 -19.39 -17.74
C GLN A 377 -34.30 -17.91 -17.91
N TRP A 378 -33.14 -17.50 -17.39
CA TRP A 378 -32.69 -16.12 -17.53
C TRP A 378 -32.32 -15.77 -18.97
N LEU A 379 -31.69 -16.71 -19.67
CA LEU A 379 -31.34 -16.52 -21.08
C LEU A 379 -32.58 -16.36 -21.96
N ASN A 380 -33.66 -17.05 -21.61
CA ASN A 380 -34.94 -16.90 -22.31
C ASN A 380 -35.54 -15.51 -22.10
N GLU A 381 -35.50 -15.02 -20.87
CA GLU A 381 -35.98 -13.68 -20.55
C GLU A 381 -35.12 -12.60 -21.19
N ALA A 382 -33.80 -12.83 -21.20
CA ALA A 382 -32.85 -11.90 -21.80
C ALA A 382 -32.98 -11.86 -23.33
N ASP A 383 -33.04 -13.04 -23.94
CA ASP A 383 -33.15 -13.15 -25.40
C ASP A 383 -34.46 -12.57 -25.92
N ALA A 384 -35.55 -12.75 -25.16
CA ALA A 384 -36.86 -12.21 -25.53
C ALA A 384 -36.83 -10.68 -25.64
N VAL A 385 -36.10 -10.02 -24.74
CA VAL A 385 -35.95 -8.57 -24.77
C VAL A 385 -35.04 -8.14 -25.92
N LEU A 386 -33.92 -8.85 -26.08
CA LEU A 386 -32.94 -8.53 -27.14
C LEU A 386 -33.48 -8.79 -28.55
N GLN A 387 -34.34 -9.80 -28.68
CA GLN A 387 -35.00 -10.08 -29.96
C GLN A 387 -35.91 -8.93 -30.37
N GLN A 388 -36.60 -8.33 -29.40
CA GLN A 388 -37.47 -7.18 -29.65
C GLN A 388 -36.66 -5.95 -30.07
N ARG A 389 -35.51 -5.76 -29.45
CA ARG A 389 -34.60 -4.66 -29.80
C ARG A 389 -34.00 -4.84 -31.19
N GLU A 390 -33.79 -6.10 -31.59
CA GLU A 390 -33.28 -6.41 -32.93
C GLU A 390 -34.29 -6.04 -34.00
N ARG A 391 -35.58 -6.25 -33.72
CA ARG A 391 -36.64 -5.89 -34.66
C ARG A 391 -36.73 -4.38 -34.84
N GLU A 392 -36.66 -3.64 -33.74
CA GLU A 392 -36.70 -2.18 -33.76
C GLU A 392 -35.49 -1.58 -34.48
N TYR A 393 -34.34 -2.25 -34.36
CA TYR A 393 -33.12 -1.82 -35.03
C TYR A 393 -33.21 -2.04 -36.55
N ILE A 394 -33.68 -3.21 -36.95
CA ILE A 394 -33.80 -3.55 -38.38
C ILE A 394 -34.90 -2.73 -39.05
N GLN A 395 -36.03 -2.56 -38.36
CA GLN A 395 -37.14 -1.75 -38.87
C GLN A 395 -36.75 -0.28 -39.04
N ALA A 396 -35.86 0.21 -38.17
CA ALA A 396 -35.38 1.59 -38.24
C ALA A 396 -34.51 1.82 -39.49
N VAL A 397 -33.64 0.85 -39.79
CA VAL A 397 -32.76 0.94 -40.95
C VAL A 397 -33.53 0.80 -42.27
N ASN A 398 -34.48 -0.15 -42.29
CA ASN A 398 -35.28 -0.42 -43.50
C ASN A 398 -36.29 0.69 -43.83
N GLU A 399 -36.65 1.50 -42.82
CA GLU A 399 -37.57 2.63 -43.01
C GLU A 399 -36.84 3.98 -43.05
N ASN A 400 -35.51 3.94 -43.16
CA ASN A 400 -34.67 5.15 -43.15
C ASN A 400 -34.93 6.05 -41.94
N ARG A 401 -34.73 5.48 -40.75
CA ARG A 401 -34.87 6.22 -39.49
C ARG A 401 -33.56 6.14 -38.72
N ALA A 402 -33.36 7.11 -37.82
CA ALA A 402 -32.19 7.10 -36.94
C ALA A 402 -32.38 6.03 -35.87
N THR A 403 -31.41 5.13 -35.77
CA THR A 403 -31.48 4.02 -34.80
C THR A 403 -31.30 4.53 -33.37
N THR A 404 -31.80 3.76 -32.41
CA THR A 404 -31.71 4.13 -31.00
C THR A 404 -30.27 4.13 -30.53
N LEU A 405 -29.89 5.16 -29.77
CA LEU A 405 -28.51 5.35 -29.35
C LEU A 405 -28.11 4.41 -28.21
N ALA A 406 -29.02 4.20 -27.26
CA ALA A 406 -28.74 3.33 -26.12
C ALA A 406 -30.01 2.68 -25.56
N TRP A 407 -29.83 1.52 -24.92
CA TRP A 407 -30.92 0.78 -24.29
C TRP A 407 -30.57 0.53 -22.81
N PRO A 408 -31.57 0.06 -22.02
CA PRO A 408 -31.27 -0.45 -20.69
C PRO A 408 -30.40 -1.71 -20.79
N PRO A 409 -29.24 -1.73 -20.09
CA PRO A 409 -28.29 -2.83 -20.26
C PRO A 409 -28.78 -4.19 -19.72
N VAL A 410 -28.73 -5.20 -20.60
CA VAL A 410 -28.97 -6.59 -20.20
C VAL A 410 -27.61 -7.24 -19.93
N VAL A 411 -27.20 -7.25 -18.66
CA VAL A 411 -25.86 -7.67 -18.28
C VAL A 411 -25.84 -9.13 -17.83
N PHE A 412 -24.77 -9.84 -18.19
CA PHE A 412 -24.55 -11.21 -17.76
C PHE A 412 -23.22 -11.32 -17.02
N VAL A 413 -23.26 -11.19 -15.69
CA VAL A 413 -22.07 -11.19 -14.85
C VAL A 413 -21.74 -12.61 -14.41
N VAL A 414 -20.46 -12.97 -14.51
CA VAL A 414 -19.99 -14.31 -14.13
C VAL A 414 -18.77 -14.18 -13.21
N ASP A 415 -18.91 -14.69 -11.99
CA ASP A 415 -17.85 -14.63 -10.99
C ASP A 415 -16.74 -15.66 -11.25
N SER A 416 -17.09 -16.75 -11.94
CA SER A 416 -16.15 -17.83 -12.21
C SER A 416 -16.37 -18.43 -13.61
N LEU A 417 -15.34 -18.33 -14.45
CA LEU A 417 -15.38 -18.92 -15.79
C LEU A 417 -15.40 -20.45 -15.73
N LEU A 418 -14.69 -21.02 -14.75
CA LEU A 418 -14.65 -22.47 -14.56
C LEU A 418 -16.04 -22.99 -14.18
N ARG A 419 -16.76 -22.25 -13.35
CA ARG A 419 -18.11 -22.63 -12.93
C ARG A 419 -19.11 -22.56 -14.08
N LEU A 420 -18.91 -21.59 -14.99
CA LEU A 420 -19.75 -21.44 -16.17
C LEU A 420 -19.62 -22.64 -17.12
N GLN A 421 -18.38 -23.09 -17.32
CA GLN A 421 -18.11 -24.22 -18.20
C GLN A 421 -18.69 -25.52 -17.64
N GLN A 422 -18.62 -25.70 -16.32
CA GLN A 422 -19.17 -26.88 -15.65
C GLN A 422 -20.70 -26.91 -15.69
N GLU A 423 -21.33 -25.75 -15.60
CA GLU A 423 -22.79 -25.64 -15.56
C GLU A 423 -23.44 -25.49 -16.95
N THR A 424 -22.65 -25.63 -18.02
CA THR A 424 -23.18 -25.54 -19.38
C THR A 424 -22.64 -26.66 -20.27
N ASP A 425 -23.32 -26.88 -21.40
CA ASP A 425 -22.92 -27.87 -22.39
C ASP A 425 -22.70 -27.20 -23.74
N SER A 426 -22.26 -27.98 -24.74
CA SER A 426 -21.95 -27.47 -26.07
C SER A 426 -23.08 -26.63 -26.70
N ILE A 427 -24.32 -27.05 -26.48
CA ILE A 427 -25.48 -26.36 -27.04
C ILE A 427 -25.71 -25.02 -26.35
N MET A 428 -25.68 -25.03 -25.01
CA MET A 428 -25.91 -23.84 -24.21
C MET A 428 -24.73 -22.86 -24.31
N GLN A 429 -23.52 -23.40 -24.38
CA GLN A 429 -22.31 -22.59 -24.59
C GLN A 429 -22.34 -21.87 -25.93
N GLY A 430 -22.78 -22.57 -26.97
CA GLY A 430 -22.92 -22.00 -28.30
C GLY A 430 -24.03 -20.94 -28.38
N ARG A 431 -25.08 -21.12 -27.59
CA ARG A 431 -26.18 -20.16 -27.52
C ARG A 431 -25.72 -18.81 -26.99
N ILE A 432 -24.94 -18.84 -25.90
CA ILE A 432 -24.42 -17.62 -25.28
C ILE A 432 -23.43 -16.93 -26.22
N ALA A 433 -22.61 -17.73 -26.91
CA ALA A 433 -21.66 -17.20 -27.89
C ALA A 433 -22.36 -16.50 -29.05
N ASN A 434 -23.47 -17.08 -29.50
CA ASN A 434 -24.28 -16.48 -30.57
C ASN A 434 -24.94 -15.16 -30.13
N MET A 435 -25.43 -15.13 -28.89
CA MET A 435 -26.04 -13.91 -28.34
C MET A 435 -25.07 -12.74 -28.31
N MET A 436 -23.80 -13.02 -28.03
CA MET A 436 -22.75 -12.00 -28.07
C MET A 436 -22.51 -11.50 -29.49
N LYS A 437 -22.49 -12.41 -30.45
CA LYS A 437 -22.33 -12.03 -31.86
C LYS A 437 -23.54 -11.24 -32.38
N GLN A 438 -24.74 -11.62 -31.94
CA GLN A 438 -25.97 -11.08 -32.49
C GLN A 438 -26.39 -9.76 -31.81
N TYR A 439 -26.35 -9.74 -30.49
CA TYR A 439 -26.96 -8.64 -29.71
C TYR A 439 -25.97 -7.69 -29.04
N SER A 440 -24.70 -7.72 -29.42
CA SER A 440 -23.68 -6.86 -28.80
C SER A 440 -23.92 -5.36 -29.04
N HIS A 441 -24.62 -5.03 -30.13
CA HIS A 441 -24.94 -3.64 -30.45
C HIS A 441 -26.36 -3.24 -30.01
N LEU A 442 -27.00 -4.08 -29.19
CA LEU A 442 -28.37 -3.84 -28.73
C LEU A 442 -28.48 -3.91 -27.21
N GLY A 443 -27.47 -3.40 -26.51
CA GLY A 443 -27.48 -3.31 -25.06
C GLY A 443 -27.29 -4.62 -24.32
N PHE A 444 -26.52 -5.54 -24.90
CA PHE A 444 -26.17 -6.79 -24.23
C PHE A 444 -24.72 -6.72 -23.77
N HIS A 445 -24.48 -7.11 -22.51
CA HIS A 445 -23.16 -6.99 -21.89
C HIS A 445 -22.78 -8.27 -21.16
N VAL A 446 -21.48 -8.52 -21.08
CA VAL A 446 -20.94 -9.75 -20.48
C VAL A 446 -19.70 -9.41 -19.67
N PHE A 447 -19.69 -9.85 -18.41
CA PHE A 447 -18.55 -9.64 -17.52
C PHE A 447 -18.11 -10.96 -16.90
N VAL A 448 -17.05 -11.54 -17.45
CA VAL A 448 -16.55 -12.84 -17.01
C VAL A 448 -15.27 -12.68 -16.18
N ALA A 449 -15.12 -13.54 -15.17
CA ALA A 449 -13.95 -13.53 -14.30
C ALA A 449 -13.32 -14.92 -14.23
N GLY A 450 -11.99 -14.95 -14.21
CA GLY A 450 -11.25 -16.21 -14.16
C GLY A 450 -9.75 -16.04 -14.34
N ASN A 451 -9.02 -17.13 -14.23
CA ASN A 451 -7.57 -17.12 -14.43
C ASN A 451 -7.22 -16.90 -15.89
N ALA A 452 -6.01 -16.40 -16.15
CA ALA A 452 -5.55 -16.09 -17.50
C ALA A 452 -5.49 -17.35 -18.38
N ASN A 453 -4.97 -18.44 -17.82
CA ASN A 453 -4.83 -19.70 -18.56
C ASN A 453 -6.16 -20.35 -18.95
N GLU A 454 -7.22 -20.08 -18.19
CA GLU A 454 -8.54 -20.62 -18.47
C GLU A 454 -9.12 -20.08 -19.78
N PHE A 455 -8.92 -18.78 -20.03
CA PHE A 455 -9.34 -18.15 -21.28
C PHE A 455 -8.55 -18.68 -22.47
N VAL A 456 -7.24 -18.89 -22.28
CA VAL A 456 -6.35 -19.35 -23.35
C VAL A 456 -6.55 -20.83 -23.65
N LYS A 457 -6.61 -21.64 -22.59
CA LYS A 457 -6.76 -23.10 -22.73
C LYS A 457 -8.12 -23.50 -23.30
N GLY A 458 -9.17 -22.74 -22.97
CA GLY A 458 -10.51 -23.04 -23.43
C GLY A 458 -10.70 -22.79 -24.92
N PHE A 459 -10.96 -23.86 -25.67
CA PHE A 459 -11.22 -23.77 -27.11
C PHE A 459 -12.67 -24.13 -27.46
N ASP A 460 -13.55 -24.12 -26.46
CA ASP A 460 -14.97 -24.36 -26.68
C ASP A 460 -15.65 -23.13 -27.27
N ALA A 461 -16.90 -23.30 -27.71
CA ALA A 461 -17.65 -22.24 -28.41
C ALA A 461 -17.79 -20.95 -27.58
N LEU A 462 -18.07 -21.10 -26.30
CA LEU A 462 -18.27 -19.95 -25.41
C LEU A 462 -16.96 -19.23 -25.11
N THR A 463 -15.96 -20.00 -24.69
CA THR A 463 -14.66 -19.45 -24.31
C THR A 463 -13.91 -18.84 -25.50
N ALA A 464 -14.14 -19.38 -26.70
CA ALA A 464 -13.56 -18.84 -27.93
C ALA A 464 -14.07 -17.44 -28.24
N GLU A 465 -15.29 -17.14 -27.83
CA GLU A 465 -15.88 -15.80 -27.98
C GLU A 465 -15.33 -14.84 -26.94
N LEU A 466 -15.16 -15.33 -25.71
CA LEU A 466 -14.68 -14.50 -24.59
C LEU A 466 -13.24 -14.02 -24.76
N LYS A 467 -12.38 -14.86 -25.33
CA LYS A 467 -10.97 -14.51 -25.52
C LYS A 467 -10.75 -13.38 -26.53
N GLN A 468 -11.75 -13.11 -27.38
CA GLN A 468 -11.67 -12.03 -28.38
C GLN A 468 -12.06 -10.66 -27.83
N ILE A 469 -12.55 -10.60 -26.60
CA ILE A 469 -12.94 -9.32 -25.98
C ILE A 469 -11.70 -8.48 -25.68
N ARG A 470 -11.64 -7.29 -26.25
CA ARG A 470 -10.44 -6.44 -26.18
C ARG A 470 -10.35 -5.55 -24.95
N GLN A 471 -11.41 -5.50 -24.14
CA GLN A 471 -11.41 -4.74 -22.90
C GLN A 471 -11.30 -5.69 -21.71
N ALA A 472 -10.58 -5.25 -20.66
CA ALA A 472 -10.39 -6.08 -19.46
C ALA A 472 -9.89 -5.29 -18.26
N ILE A 473 -10.11 -5.86 -17.08
CA ILE A 473 -9.55 -5.35 -15.83
C ILE A 473 -8.63 -6.42 -15.25
N LEU A 474 -7.33 -6.21 -15.37
CA LEU A 474 -6.35 -7.17 -14.89
C LEU A 474 -6.05 -6.93 -13.41
N VAL A 475 -6.23 -7.97 -12.59
CA VAL A 475 -5.81 -7.95 -11.19
C VAL A 475 -4.62 -8.91 -11.02
N THR A 476 -3.68 -8.80 -11.96
CA THR A 476 -2.49 -9.63 -11.99
C THR A 476 -1.40 -8.90 -12.78
N LYS A 477 -0.18 -9.44 -12.77
CA LYS A 477 0.92 -8.86 -13.52
C LYS A 477 0.69 -8.99 -15.03
N LYS A 478 1.22 -8.03 -15.78
CA LYS A 478 1.12 -8.04 -17.24
C LYS A 478 1.97 -9.15 -17.86
N SER A 479 3.08 -9.48 -17.18
CA SER A 479 3.97 -10.55 -17.62
C SER A 479 3.36 -11.94 -17.40
N GLU A 480 2.46 -12.06 -16.43
CA GLU A 480 1.86 -13.34 -16.07
C GLU A 480 0.52 -13.59 -16.77
N GLN A 481 0.45 -13.30 -18.06
CA GLN A 481 -0.74 -13.56 -18.88
C GLN A 481 -0.42 -13.47 -20.37
N SER A 482 -1.02 -14.36 -21.15
CA SER A 482 -0.81 -14.40 -22.60
C SER A 482 -2.13 -14.13 -23.34
N LEU A 483 -2.87 -13.14 -22.83
CA LEU A 483 -4.17 -12.78 -23.41
C LEU A 483 -4.09 -11.42 -24.09
N PHE A 484 -3.53 -10.43 -23.40
CA PHE A 484 -3.31 -9.09 -23.95
C PHE A 484 -1.82 -8.80 -24.07
N ALA A 485 -1.39 -8.39 -25.27
CA ALA A 485 0.00 -8.01 -25.51
C ALA A 485 0.25 -6.60 -24.99
N LEU A 486 0.81 -6.51 -23.78
CA LEU A 486 0.99 -5.23 -23.09
C LEU A 486 2.48 -4.95 -22.82
N PRO A 487 2.82 -3.67 -22.59
CA PRO A 487 4.19 -3.30 -22.21
C PRO A 487 4.51 -3.66 -20.76
N PHE A 488 5.67 -4.28 -20.53
CA PHE A 488 6.12 -4.60 -19.18
C PHE A 488 7.64 -4.69 -19.11
N THR A 489 8.17 -4.78 -17.89
CA THR A 489 9.61 -4.89 -17.66
C THR A 489 9.90 -5.93 -16.58
N ARG A 490 11.19 -6.13 -16.28
CA ARG A 490 11.61 -7.07 -15.25
C ARG A 490 11.11 -6.61 -13.88
N ASN A 491 11.48 -5.39 -13.49
CA ASN A 491 11.10 -4.83 -12.19
C ASN A 491 9.66 -4.31 -12.23
N GLU A 492 8.70 -5.24 -12.20
CA GLU A 492 7.29 -4.90 -12.21
C GLU A 492 6.75 -4.89 -10.78
N GLN A 493 5.81 -4.00 -10.51
CA GLN A 493 5.24 -3.85 -9.17
C GLN A 493 4.36 -5.04 -8.81
N GLU A 494 4.44 -5.49 -7.57
CA GLU A 494 3.63 -6.60 -7.08
C GLU A 494 2.16 -6.19 -6.97
N ILE A 495 1.28 -7.18 -7.11
CA ILE A 495 -0.16 -6.93 -7.13
C ILE A 495 -0.72 -6.95 -5.70
N GLU A 496 -0.77 -5.79 -5.08
CA GLU A 496 -1.34 -5.64 -3.74
C GLU A 496 -2.86 -5.57 -3.84
N PRO A 497 -3.56 -5.77 -2.71
CA PRO A 497 -5.03 -5.64 -2.71
C PRO A 497 -5.49 -4.23 -3.12
N GLY A 498 -6.53 -4.17 -3.94
CA GLY A 498 -7.07 -2.90 -4.42
C GLY A 498 -6.19 -2.20 -5.45
N PHE A 499 -5.59 -2.98 -6.34
N PHE A 499 -5.59 -2.99 -6.35
CA PHE A 499 -4.73 -2.45 -7.40
CA PHE A 499 -4.73 -2.45 -7.40
C PHE A 499 -4.76 -3.36 -8.61
C PHE A 499 -4.76 -3.36 -8.61
N GLY A 500 -4.81 -2.76 -9.80
CA GLY A 500 -4.83 -3.51 -11.06
C GLY A 500 -4.64 -2.63 -12.28
N TYR A 501 -4.74 -3.23 -13.45
CA TYR A 501 -4.62 -2.51 -14.72
C TYR A 501 -5.94 -2.50 -15.47
N PHE A 502 -6.24 -1.38 -16.12
CA PHE A 502 -7.44 -1.25 -16.93
C PHE A 502 -7.06 -1.26 -18.42
N VAL A 503 -7.29 -2.39 -19.07
CA VAL A 503 -6.92 -2.59 -20.47
C VAL A 503 -8.11 -2.25 -21.38
N VAL A 504 -7.85 -1.46 -22.43
CA VAL A 504 -8.89 -1.13 -23.41
C VAL A 504 -8.27 -0.59 -24.70
N GLY A 505 -8.64 -1.19 -25.83
CA GLY A 505 -8.18 -0.75 -27.14
C GLY A 505 -6.67 -0.75 -27.34
N GLY A 506 -5.99 -1.73 -26.75
CA GLY A 506 -4.53 -1.84 -26.86
C GLY A 506 -3.80 -1.19 -25.69
N LYS A 507 -4.18 0.04 -25.37
CA LYS A 507 -3.55 0.78 -24.27
C LYS A 507 -3.97 0.23 -22.91
N ASP A 508 -3.21 0.60 -21.87
CA ASP A 508 -3.50 0.20 -20.50
C ASP A 508 -3.06 1.27 -19.51
N GLN A 509 -3.49 1.12 -18.26
CA GLN A 509 -3.15 2.08 -17.20
C GLN A 509 -3.39 1.48 -15.81
N LYS A 510 -2.52 1.82 -14.86
CA LYS A 510 -2.66 1.40 -13.48
C LYS A 510 -3.85 2.11 -12.84
N ILE A 511 -4.60 1.38 -11.99
CA ILE A 511 -5.75 1.96 -11.30
C ILE A 511 -5.85 1.45 -9.85
N GLN A 512 -6.48 2.26 -9.01
CA GLN A 512 -6.78 1.87 -7.63
C GLN A 512 -8.24 1.40 -7.58
N ILE A 513 -8.43 0.09 -7.42
CA ILE A 513 -9.75 -0.50 -7.36
C ILE A 513 -10.29 -0.37 -5.93
N PRO A 514 -11.47 0.26 -5.77
CA PRO A 514 -12.03 0.45 -4.44
C PRO A 514 -12.60 -0.84 -3.84
N LYS A 515 -12.47 -0.99 -2.53
CA LYS A 515 -12.97 -2.17 -1.83
C LYS A 515 -14.46 -2.02 -1.52
N VAL A 516 -15.24 -3.01 -1.92
CA VAL A 516 -16.68 -3.05 -1.62
C VAL A 516 -16.89 -3.78 -0.30
N GLU A 517 -17.35 -3.04 0.72
CA GLU A 517 -17.60 -3.63 2.04
C GLU A 517 -18.88 -4.46 2.02
N ALA B 6 -6.11 -44.12 23.47
CA ALA B 6 -4.75 -43.76 22.98
C ALA B 6 -4.56 -44.18 21.52
N ASN B 7 -4.71 -45.48 21.26
CA ASN B 7 -4.56 -46.03 19.92
C ASN B 7 -5.88 -45.95 19.14
N ALA B 8 -6.92 -46.55 19.71
CA ALA B 8 -8.24 -46.58 19.09
C ALA B 8 -9.09 -45.41 19.57
N PHE B 9 -9.74 -44.73 18.63
CA PHE B 9 -10.62 -43.59 18.94
C PHE B 9 -12.04 -43.88 18.47
N PRO B 10 -13.01 -43.92 19.41
CA PRO B 10 -14.40 -44.16 19.03
C PRO B 10 -15.04 -42.93 18.38
N ILE B 11 -15.25 -43.00 17.07
CA ILE B 11 -15.74 -41.87 16.28
C ILE B 11 -17.25 -41.93 15.98
N GLY B 12 -17.87 -43.09 16.18
CA GLY B 12 -19.30 -43.24 15.91
C GLY B 12 -19.89 -44.57 16.30
N LEU B 13 -21.18 -44.57 16.64
CA LEU B 13 -21.92 -45.79 16.94
C LEU B 13 -22.41 -46.43 15.64
N LYS B 14 -21.83 -47.57 15.28
CA LYS B 14 -22.17 -48.23 14.02
C LYS B 14 -23.54 -48.92 14.08
N ASP B 15 -24.33 -48.76 13.03
CA ASP B 15 -25.67 -49.31 12.97
C ASP B 15 -25.63 -50.83 12.82
N GLU B 16 -26.18 -51.54 13.81
CA GLU B 16 -26.22 -53.00 13.79
C GLU B 16 -27.65 -53.49 14.05
N PRO B 17 -28.56 -53.29 13.08
CA PRO B 17 -29.92 -53.79 13.22
C PRO B 17 -30.02 -55.31 13.10
N GLU B 18 -29.00 -55.94 12.50
CA GLU B 18 -28.93 -57.39 12.42
C GLU B 18 -28.56 -57.97 13.79
N LEU B 19 -27.62 -57.31 14.47
CA LEU B 19 -27.20 -57.72 15.80
C LEU B 19 -28.01 -56.99 16.87
N SER B 21 -26.90 -56.50 19.92
CA SER B 21 -25.75 -55.75 20.40
C SER B 21 -25.42 -54.58 19.46
N GLN B 22 -24.60 -53.66 19.95
CA GLN B 22 -24.21 -52.48 19.19
C GLN B 22 -22.98 -51.78 19.78
N SER B 23 -21.86 -51.88 19.07
CA SER B 23 -20.59 -51.30 19.52
C SER B 23 -20.23 -50.06 18.67
N ASP B 24 -19.16 -49.38 19.06
CA ASP B 24 -18.69 -48.18 18.37
C ASP B 24 -17.67 -48.53 17.30
N TYR B 25 -17.65 -47.75 16.22
CA TYR B 25 -16.63 -47.86 15.19
C TYR B 25 -15.37 -47.12 15.65
N PHE B 26 -14.25 -47.83 15.70
CA PHE B 26 -12.99 -47.28 16.18
C PHE B 26 -12.06 -46.90 15.03
N TYR B 27 -11.31 -45.82 15.23
CA TYR B 27 -10.28 -45.39 14.29
C TYR B 27 -8.89 -45.63 14.88
N GLN B 28 -8.14 -46.54 14.26
CA GLN B 28 -6.75 -46.79 14.68
C GLN B 28 -5.87 -45.62 14.27
N TRP B 29 -4.85 -45.33 15.07
CA TRP B 29 -4.06 -44.11 14.91
C TRP B 29 -3.27 -44.06 13.60
N LEU B 30 -2.35 -45.00 13.43
CA LEU B 30 -1.44 -44.99 12.28
C LEU B 30 -1.98 -45.75 11.07
N GLU B 31 -2.32 -47.02 11.28
CA GLU B 31 -2.66 -47.93 10.19
C GLU B 31 -3.86 -47.51 9.33
N ASP B 32 -4.83 -46.80 9.90
CA ASP B 32 -6.01 -46.36 9.16
C ASP B 32 -5.75 -45.18 8.22
N GLY B 33 -4.57 -44.56 8.31
CA GLY B 33 -4.12 -43.58 7.33
C GLY B 33 -4.93 -42.30 7.27
N ASN B 34 -4.91 -41.64 6.11
CA ASN B 34 -5.60 -40.37 5.91
C ASN B 34 -7.11 -40.53 5.85
N ILE B 35 -7.84 -39.52 6.33
CA ILE B 35 -9.30 -39.54 6.38
C ILE B 35 -9.87 -38.63 5.29
N GLY B 36 -10.95 -39.09 4.65
CA GLY B 36 -11.62 -38.32 3.60
C GLY B 36 -13.11 -38.25 3.84
N ILE B 37 -13.58 -37.13 4.39
CA ILE B 37 -14.99 -36.93 4.69
C ILE B 37 -15.73 -36.46 3.45
N PHE B 38 -16.84 -37.11 3.12
CA PHE B 38 -17.61 -36.78 1.91
C PHE B 38 -19.11 -36.77 2.18
N GLY B 39 -19.86 -36.08 1.33
CA GLY B 39 -21.32 -36.00 1.44
C GLY B 39 -21.88 -34.66 1.03
N SER B 40 -23.20 -34.59 0.87
CA SER B 40 -23.89 -33.36 0.48
C SER B 40 -23.93 -32.35 1.63
N ALA B 41 -24.38 -31.13 1.32
CA ALA B 41 -24.43 -30.05 2.30
C ALA B 41 -25.46 -30.32 3.40
N GLY B 42 -25.09 -29.97 4.63
CA GLY B 42 -25.95 -30.17 5.79
C GLY B 42 -26.13 -31.61 6.23
N TYR B 43 -25.05 -32.39 6.18
CA TYR B 43 -25.08 -33.79 6.60
C TYR B 43 -23.86 -34.22 7.43
N GLY B 44 -23.22 -33.26 8.10
CA GLY B 44 -22.18 -33.56 9.09
C GLY B 44 -20.78 -33.80 8.57
N LYS B 45 -20.32 -32.93 7.67
CA LYS B 45 -18.93 -32.96 7.21
C LYS B 45 -18.03 -32.26 8.22
N SER B 46 -18.42 -31.04 8.60
CA SER B 46 -17.67 -30.26 9.60
C SER B 46 -17.78 -30.87 11.00
N THR B 47 -18.93 -31.46 11.30
CA THR B 47 -19.16 -32.14 12.58
C THR B 47 -18.20 -33.33 12.73
N THR B 48 -18.04 -34.10 11.66
CA THR B 48 -17.11 -35.24 11.65
C THR B 48 -15.66 -34.77 11.78
N MET B 49 -15.32 -33.68 11.11
CA MET B 49 -14.00 -33.07 11.21
C MET B 49 -13.70 -32.66 12.65
N MET B 50 -14.65 -31.97 13.27
CA MET B 50 -14.49 -31.49 14.65
C MET B 50 -14.40 -32.63 15.66
N THR B 51 -15.15 -33.69 15.43
CA THR B 51 -15.12 -34.87 16.30
C THR B 51 -13.75 -35.54 16.28
N LEU B 52 -13.19 -35.69 15.08
CA LEU B 52 -11.87 -36.31 14.91
C LEU B 52 -10.76 -35.49 15.58
N LEU B 53 -10.73 -34.19 15.30
CA LEU B 53 -9.68 -33.30 15.81
C LEU B 53 -9.71 -33.17 17.33
N LEU B 54 -10.91 -33.10 17.91
CA LEU B 54 -11.07 -33.04 19.37
C LEU B 54 -10.72 -34.37 20.05
N SER B 55 -11.01 -35.48 19.37
CA SER B 55 -10.69 -36.82 19.88
C SER B 55 -9.18 -37.02 20.01
N PHE B 56 -8.43 -36.64 18.98
CA PHE B 56 -6.97 -36.78 18.99
C PHE B 56 -6.32 -35.79 19.95
N ALA B 57 -6.92 -34.59 20.05
CA ALA B 57 -6.42 -33.56 20.96
C ALA B 57 -6.55 -33.97 22.43
N GLY B 58 -7.63 -34.66 22.76
CA GLY B 58 -7.86 -35.14 24.12
C GLY B 58 -6.85 -36.17 24.61
N ALA B 59 -6.35 -36.99 23.68
CA ALA B 59 -5.40 -38.05 24.01
C ALA B 59 -3.95 -37.58 23.89
N TYR B 60 -3.60 -36.98 22.76
CA TYR B 60 -2.22 -36.61 22.46
C TYR B 60 -1.85 -35.20 22.96
N ASN B 61 -0.54 -34.94 22.95
CA ASN B 61 0.04 -33.71 23.50
C ASN B 61 0.23 -32.63 22.42
N PRO B 62 0.11 -31.34 22.80
CA PRO B 62 0.38 -30.21 21.89
C PRO B 62 1.75 -30.27 21.18
N ALA B 63 2.79 -30.64 21.92
CA ALA B 63 4.13 -30.80 21.34
C ALA B 63 4.21 -32.00 20.40
N GLN B 64 3.40 -33.03 20.67
CA GLN B 64 3.35 -34.23 19.85
C GLN B 64 2.42 -34.09 18.62
N LEU B 65 1.44 -33.21 18.71
CA LEU B 65 0.39 -33.10 17.68
C LEU B 65 0.14 -31.65 17.28
N HIS B 66 0.41 -31.33 16.01
CA HIS B 66 0.22 -29.99 15.45
C HIS B 66 -0.94 -30.01 14.45
N TYR B 67 -1.83 -29.02 14.55
CA TYR B 67 -2.92 -28.86 13.57
C TYR B 67 -2.71 -27.64 12.68
N TYR B 68 -3.24 -27.71 11.46
CA TYR B 68 -3.30 -26.58 10.55
C TYR B 68 -4.65 -26.60 9.83
N ILE B 69 -5.62 -25.86 10.38
CA ILE B 69 -7.01 -25.94 9.95
C ILE B 69 -7.31 -24.94 8.83
N PHE B 70 -7.67 -25.46 7.66
CA PHE B 70 -8.06 -24.64 6.51
C PHE B 70 -9.56 -24.69 6.31
N ASP B 71 -10.26 -23.76 6.97
CA ASP B 71 -11.72 -23.69 6.91
C ASP B 71 -12.16 -22.76 5.78
N PHE B 72 -12.50 -23.35 4.63
CA PHE B 72 -13.02 -22.60 3.50
C PHE B 72 -14.53 -22.78 3.34
N GLY B 73 -15.16 -23.48 4.28
CA GLY B 73 -16.61 -23.70 4.25
C GLY B 73 -17.38 -22.48 4.72
N ASN B 74 -17.83 -22.51 5.97
CA ASN B 74 -18.62 -21.42 6.55
C ASN B 74 -18.29 -21.18 8.03
N SER B 75 -17.00 -21.29 8.36
CA SER B 75 -16.50 -21.07 9.71
C SER B 75 -17.14 -21.99 10.76
N ALA B 76 -17.37 -23.24 10.37
CA ALA B 76 -17.88 -24.26 11.30
C ALA B 76 -16.78 -24.73 12.25
N LEU B 77 -15.53 -24.65 11.78
CA LEU B 77 -14.36 -25.04 12.59
C LEU B 77 -13.70 -23.84 13.29
N LEU B 78 -14.46 -22.76 13.47
CA LEU B 78 -13.93 -21.53 14.06
C LEU B 78 -13.57 -21.66 15.55
N PRO B 79 -14.32 -22.48 16.31
CA PRO B 79 -13.95 -22.69 17.72
C PRO B 79 -12.56 -23.30 17.93
N LEU B 80 -12.08 -24.09 16.99
CA LEU B 80 -10.77 -24.78 17.11
C LEU B 80 -9.56 -23.84 17.15
N ARG B 81 -9.76 -22.54 16.91
CA ARG B 81 -8.71 -21.55 17.12
C ARG B 81 -8.25 -21.48 18.57
N GLN B 82 -9.20 -21.70 19.49
CA GLN B 82 -8.93 -21.66 20.93
C GLN B 82 -8.13 -22.88 21.40
N LEU B 83 -8.17 -23.97 20.64
CA LEU B 83 -7.45 -25.20 20.98
C LEU B 83 -5.94 -24.97 20.99
N PRO B 84 -5.23 -25.57 21.98
CA PRO B 84 -3.76 -25.40 22.04
C PRO B 84 -3.02 -26.06 20.87
N HIS B 85 -3.53 -27.20 20.40
CA HIS B 85 -2.91 -27.97 19.33
C HIS B 85 -2.89 -27.22 17.99
N THR B 86 -3.86 -26.34 17.78
CA THR B 86 -3.95 -25.57 16.54
C THR B 86 -2.82 -24.54 16.44
N ALA B 87 -1.97 -24.71 15.43
CA ALA B 87 -0.89 -23.76 15.16
C ALA B 87 -1.44 -22.50 14.53
N ASP B 88 -2.17 -22.65 13.42
CA ASP B 88 -2.78 -21.52 12.73
C ASP B 88 -4.08 -21.92 12.04
N TYR B 89 -4.96 -20.93 11.86
CA TYR B 89 -6.28 -21.13 11.27
C TYR B 89 -6.40 -20.28 10.01
N PHE B 90 -6.77 -20.91 8.90
CA PHE B 90 -6.80 -20.23 7.59
C PHE B 90 -8.22 -20.05 7.08
N ARG B 91 -8.39 -19.04 6.23
CA ARG B 91 -9.67 -18.76 5.56
C ARG B 91 -9.42 -18.44 4.09
N LEU B 92 -10.49 -18.34 3.31
CA LEU B 92 -10.38 -18.06 1.88
C LEU B 92 -9.78 -16.68 1.59
N ASP B 93 -10.07 -15.70 2.45
CA ASP B 93 -9.54 -14.35 2.30
C ASP B 93 -8.04 -14.27 2.59
N ASP B 94 -7.55 -15.15 3.47
CA ASP B 94 -6.14 -15.15 3.84
C ASP B 94 -5.28 -15.80 2.76
N GLU B 95 -5.10 -15.11 1.65
CA GLU B 95 -4.35 -15.63 0.50
C GLU B 95 -2.83 -15.57 0.75
N LYS B 96 -2.38 -14.46 1.31
CA LYS B 96 -0.95 -14.26 1.62
C LYS B 96 -0.45 -15.25 2.67
N LYS B 97 -1.30 -15.58 3.64
CA LYS B 97 -0.94 -16.49 4.72
C LYS B 97 -0.85 -17.95 4.24
N ILE B 98 -1.69 -18.31 3.27
CA ILE B 98 -1.65 -19.66 2.67
C ILE B 98 -0.38 -19.86 1.84
N GLU B 99 0.09 -18.79 1.19
CA GLU B 99 1.35 -18.84 0.44
C GLU B 99 2.55 -19.11 1.35
N LYS B 100 2.51 -18.57 2.57
CA LYS B 100 3.55 -18.81 3.57
C LYS B 100 3.55 -20.27 4.05
N PHE B 101 2.36 -20.85 4.15
CA PHE B 101 2.23 -22.26 4.55
C PHE B 101 2.81 -23.20 3.50
N ILE B 102 2.56 -22.90 2.22
CA ILE B 102 3.11 -23.69 1.12
C ILE B 102 4.64 -23.63 1.15
N LYS B 103 5.18 -22.44 1.42
CA LYS B 103 6.62 -22.25 1.59
C LYS B 103 7.12 -22.98 2.84
N PHE B 104 6.36 -22.91 3.93
CA PHE B 104 6.73 -23.54 5.20
C PHE B 104 6.83 -25.06 5.12
N MET B 105 5.84 -25.69 4.50
CA MET B 105 5.79 -27.16 4.40
C MET B 105 6.87 -27.72 3.49
N LYS B 106 7.22 -26.99 2.44
CA LYS B 106 8.32 -27.39 1.55
C LYS B 106 9.66 -27.39 2.31
N GLU B 107 9.84 -26.40 3.18
CA GLU B 107 11.02 -26.34 4.05
C GLU B 107 10.98 -27.42 5.13
N GLU B 108 9.80 -27.66 5.68
CA GLU B 108 9.60 -28.67 6.72
C GLU B 108 9.84 -30.08 6.19
N MET B 109 9.21 -30.39 5.05
CA MET B 109 9.36 -31.70 4.41
C MET B 109 10.73 -31.82 3.75
N LEU B 135 9.57 -35.86 16.62
CA LEU B 135 8.93 -34.82 15.81
C LEU B 135 7.42 -34.85 15.96
N PRO B 136 6.76 -33.69 15.74
CA PRO B 136 5.31 -33.61 15.89
C PRO B 136 4.55 -34.17 14.69
N ILE B 137 3.36 -34.72 14.95
CA ILE B 137 2.45 -35.15 13.90
C ILE B 137 1.69 -33.91 13.40
N ILE B 138 1.87 -33.58 12.12
CA ILE B 138 1.26 -32.40 11.52
C ILE B 138 -0.01 -32.77 10.76
N ILE B 139 -1.17 -32.43 11.31
CA ILE B 139 -2.44 -32.63 10.62
C ILE B 139 -2.78 -31.39 9.79
N VAL B 140 -3.01 -31.60 8.50
CA VAL B 140 -3.46 -30.55 7.60
C VAL B 140 -4.95 -30.75 7.31
N ALA B 141 -5.79 -30.18 8.18
CA ALA B 141 -7.23 -30.28 8.05
C ALA B 141 -7.74 -29.27 7.02
N LEU B 142 -8.58 -29.74 6.09
CA LEU B 142 -9.11 -28.90 5.01
C LEU B 142 -10.62 -29.08 4.88
N ASP B 143 -11.37 -28.04 5.25
CA ASP B 143 -12.82 -28.06 5.09
C ASP B 143 -13.18 -27.44 3.73
N ASN B 144 -14.09 -28.11 3.02
CA ASN B 144 -14.54 -27.70 1.68
C ASN B 144 -13.42 -27.73 0.64
N PHE B 145 -13.25 -28.89 0.01
CA PHE B 145 -12.25 -29.08 -1.04
C PHE B 145 -12.73 -28.56 -2.40
N ASP B 146 -14.05 -28.42 -2.55
CA ASP B 146 -14.63 -27.99 -3.83
C ASP B 146 -14.13 -26.62 -4.28
N VAL B 147 -14.02 -25.69 -3.34
CA VAL B 147 -13.50 -24.35 -3.63
C VAL B 147 -12.01 -24.38 -3.99
N VAL B 148 -11.26 -25.31 -3.38
CA VAL B 148 -9.84 -25.47 -3.67
C VAL B 148 -9.63 -26.05 -5.06
N LYS B 149 -10.54 -26.94 -5.48
CA LYS B 149 -10.47 -27.56 -6.81
C LYS B 149 -10.58 -26.53 -7.93
N GLU B 150 -11.47 -25.55 -7.77
CA GLU B 150 -11.74 -24.56 -8.80
C GLU B 150 -10.91 -23.29 -8.63
N GLU B 151 -11.01 -22.66 -7.46
CA GLU B 151 -10.43 -21.34 -7.24
C GLU B 151 -8.92 -21.36 -6.98
N MET B 152 -8.43 -22.40 -6.31
CA MET B 152 -7.03 -22.48 -5.87
C MET B 152 -6.29 -23.67 -6.48
N PRO B 153 -5.93 -23.57 -7.78
CA PRO B 153 -5.21 -24.67 -8.44
C PRO B 153 -3.77 -24.85 -7.96
N ASP B 154 -3.15 -23.78 -7.47
CA ASP B 154 -1.78 -23.85 -6.95
C ASP B 154 -1.72 -24.64 -5.64
N PHE B 155 -2.68 -24.39 -4.76
CA PHE B 155 -2.78 -25.07 -3.48
C PHE B 155 -3.19 -26.54 -3.63
N GLU B 156 -3.99 -26.83 -4.66
CA GLU B 156 -4.47 -28.19 -4.91
C GLU B 156 -3.33 -29.18 -5.20
N THR B 157 -2.30 -28.73 -5.91
CA THR B 157 -1.16 -29.57 -6.24
C THR B 157 -0.34 -29.94 -5.01
N GLN B 158 -0.30 -29.05 -4.02
CA GLN B 158 0.41 -29.29 -2.76
C GLN B 158 -0.30 -30.34 -1.91
N LEU B 159 -1.63 -30.36 -1.97
CA LEU B 159 -2.44 -31.31 -1.20
C LEU B 159 -2.21 -32.76 -1.63
N ILE B 160 -1.88 -32.96 -2.91
CA ILE B 160 -1.55 -34.29 -3.42
C ILE B 160 -0.23 -34.78 -2.81
N GLN B 161 0.72 -33.86 -2.65
CA GLN B 161 2.02 -34.18 -2.05
C GLN B 161 1.92 -34.48 -0.57
N TYR B 162 1.04 -33.79 0.14
CA TYR B 162 0.85 -33.99 1.58
C TYR B 162 0.19 -35.33 1.89
N ALA B 163 -0.73 -35.75 1.03
CA ALA B 163 -1.44 -37.03 1.20
C ALA B 163 -0.56 -38.22 0.84
N ARG B 164 0.17 -38.10 -0.28
CA ARG B 164 0.98 -39.20 -0.80
C ARG B 164 2.29 -39.39 -0.03
N ASP B 165 3.13 -38.36 -0.05
CA ASP B 165 4.47 -38.44 0.53
C ASP B 165 4.50 -38.20 2.05
N GLY B 166 3.45 -37.56 2.57
CA GLY B 166 3.41 -37.16 3.99
C GLY B 166 3.23 -38.28 5.00
N GLN B 167 2.73 -39.44 4.55
CA GLN B 167 2.48 -40.57 5.44
C GLN B 167 3.72 -40.99 6.22
N SER B 168 4.81 -41.26 5.50
CA SER B 168 6.07 -41.66 6.11
C SER B 168 6.76 -40.50 6.81
N LEU B 169 6.60 -39.29 6.27
CA LEU B 169 7.22 -38.09 6.84
C LEU B 169 6.59 -37.65 8.17
N GLY B 170 5.34 -38.04 8.39
CA GLY B 170 4.64 -37.71 9.64
C GLY B 170 3.39 -36.85 9.47
N ILE B 171 3.14 -36.39 8.25
CA ILE B 171 1.96 -35.57 7.96
C ILE B 171 0.72 -36.46 7.83
N PHE B 172 -0.36 -36.05 8.50
CA PHE B 172 -1.60 -36.82 8.52
C PHE B 172 -2.72 -35.94 7.94
N PHE B 173 -3.01 -36.15 6.65
CA PHE B 173 -3.93 -35.30 5.90
C PHE B 173 -5.39 -35.67 6.12
N ILE B 174 -6.23 -34.66 6.31
CA ILE B 174 -7.68 -34.83 6.44
C ILE B 174 -8.38 -33.77 5.59
N MET B 175 -9.48 -34.15 4.95
CA MET B 175 -10.24 -33.20 4.12
C MET B 175 -11.72 -33.55 4.00
N THR B 176 -12.53 -32.53 3.76
CA THR B 176 -13.96 -32.69 3.44
C THR B 176 -14.21 -32.24 2.01
N ALA B 177 -15.23 -32.80 1.37
CA ALA B 177 -15.59 -32.44 0.01
C ALA B 177 -17.05 -32.75 -0.29
N THR B 178 -17.74 -31.80 -0.93
CA THR B 178 -19.15 -31.97 -1.29
C THR B 178 -19.31 -32.90 -2.49
N ARG B 179 -18.38 -32.83 -3.44
CA ARG B 179 -18.41 -33.63 -4.66
C ARG B 179 -17.13 -34.45 -4.80
N VAL B 180 -17.27 -35.77 -4.86
CA VAL B 180 -16.11 -36.66 -5.07
C VAL B 180 -15.72 -36.74 -6.56
N SER B 181 -16.70 -36.58 -7.44
CA SER B 181 -16.45 -36.55 -8.88
C SER B 181 -15.72 -35.26 -9.24
N GLY B 182 -14.44 -35.38 -9.57
CA GLY B 182 -13.57 -34.22 -9.81
C GLY B 182 -12.25 -34.29 -9.07
N ILE B 183 -12.22 -35.08 -8.00
CA ILE B 183 -11.00 -35.26 -7.20
C ILE B 183 -10.01 -36.14 -7.96
N ARG B 184 -8.71 -35.86 -7.80
CA ARG B 184 -7.66 -36.61 -8.48
C ARG B 184 -7.63 -38.07 -8.01
N PRO B 185 -7.53 -39.01 -8.97
CA PRO B 185 -7.38 -40.44 -8.65
C PRO B 185 -6.23 -40.79 -7.70
N PRO B 186 -5.03 -40.21 -7.89
CA PRO B 186 -3.95 -40.48 -6.94
C PRO B 186 -4.23 -39.95 -5.53
N LEU B 187 -4.84 -38.77 -5.43
CA LEU B 187 -5.22 -38.18 -4.15
C LEU B 187 -6.30 -39.01 -3.45
N MET B 188 -7.29 -39.46 -4.22
CA MET B 188 -8.41 -40.24 -3.68
C MET B 188 -7.95 -41.59 -3.14
N ASN B 189 -6.98 -42.21 -3.80
CA ASN B 189 -6.43 -43.49 -3.34
C ASN B 189 -5.61 -43.36 -2.06
N ASN B 190 -4.91 -42.24 -1.91
CA ASN B 190 -4.12 -41.96 -0.70
C ASN B 190 -5.00 -41.73 0.54
N LEU B 191 -6.22 -41.25 0.33
CA LEU B 191 -7.20 -41.14 1.42
C LEU B 191 -7.66 -42.54 1.82
N LYS B 192 -6.96 -43.12 2.79
CA LYS B 192 -7.20 -44.49 3.24
C LYS B 192 -8.62 -44.65 3.79
N THR B 193 -8.93 -43.90 4.84
CA THR B 193 -10.28 -43.90 5.42
C THR B 193 -11.17 -42.92 4.68
N LYS B 194 -12.43 -43.28 4.48
CA LYS B 194 -13.39 -42.42 3.78
C LYS B 194 -14.75 -42.43 4.47
N ILE B 195 -15.06 -41.33 5.17
CA ILE B 195 -16.34 -41.17 5.85
C ILE B 195 -17.36 -40.56 4.88
N VAL B 196 -18.20 -41.41 4.31
CA VAL B 196 -19.14 -41.02 3.26
C VAL B 196 -20.55 -40.78 3.80
N HIS B 197 -20.91 -39.51 3.98
CA HIS B 197 -22.27 -39.13 4.37
C HIS B 197 -23.20 -39.17 3.15
N TYR B 198 -24.48 -38.89 3.39
CA TYR B 198 -25.50 -38.94 2.34
C TYR B 198 -25.18 -38.04 1.13
N PHE B 199 -25.42 -38.57 -0.06
CA PHE B 199 -25.32 -37.82 -1.31
C PHE B 199 -26.72 -37.63 -1.91
N ILE B 200 -26.92 -36.51 -2.59
CA ILE B 200 -28.17 -36.26 -3.31
C ILE B 200 -28.18 -37.06 -4.61
N ASP B 201 -27.12 -36.94 -5.39
CA ASP B 201 -27.01 -37.60 -6.69
C ASP B 201 -26.53 -39.04 -6.55
N SER B 202 -27.05 -39.92 -7.41
CA SER B 202 -26.66 -41.33 -7.43
C SER B 202 -25.30 -41.55 -8.09
N SER B 203 -24.95 -40.67 -9.03
CA SER B 203 -23.65 -40.73 -9.71
C SER B 203 -22.48 -40.50 -8.74
N GLU B 204 -22.72 -39.70 -7.70
CA GLU B 204 -21.72 -39.43 -6.69
C GLU B 204 -21.48 -40.68 -5.81
N LYS B 205 -22.54 -41.43 -5.56
CA LYS B 205 -22.47 -42.68 -4.80
C LYS B 205 -21.79 -43.78 -5.61
N PHE B 206 -22.10 -43.85 -6.90
CA PHE B 206 -21.61 -44.92 -7.78
C PHE B 206 -20.09 -44.98 -7.90
N SER B 207 -19.43 -43.83 -7.83
CA SER B 207 -17.97 -43.75 -7.95
C SER B 207 -17.23 -44.34 -6.75
N LEU B 208 -17.90 -44.41 -5.59
CA LEU B 208 -17.28 -44.92 -4.36
C LEU B 208 -17.59 -46.40 -4.09
N ILE B 209 -18.15 -47.10 -5.07
CA ILE B 209 -18.43 -48.54 -4.93
C ILE B 209 -17.11 -49.33 -5.01
N GLY B 210 -16.36 -49.09 -6.06
CA GLY B 210 -15.10 -49.79 -6.29
C GLY B 210 -15.32 -51.18 -6.88
N ARG B 211 -14.49 -52.13 -6.47
CA ARG B 211 -14.57 -53.50 -6.97
C ARG B 211 -15.70 -54.26 -6.28
N THR B 212 -16.30 -55.21 -7.00
CA THR B 212 -17.42 -56.01 -6.51
C THR B 212 -17.23 -57.48 -6.85
N PRO B 213 -18.04 -58.38 -6.24
CA PRO B 213 -18.01 -59.80 -6.61
C PRO B 213 -18.36 -60.10 -8.07
N TYR B 214 -19.06 -59.19 -8.74
CA TYR B 214 -19.38 -59.36 -10.16
C TYR B 214 -18.16 -59.19 -11.09
N ASP B 215 -17.12 -58.51 -10.60
CA ASP B 215 -15.92 -58.23 -11.40
C ASP B 215 -15.00 -59.43 -11.58
N VAL B 216 -15.10 -60.44 -10.69
CA VAL B 216 -14.25 -61.62 -10.80
C VAL B 216 -14.71 -62.52 -11.95
N ASP B 217 -13.75 -62.99 -12.74
CA ASP B 217 -14.02 -63.86 -13.89
C ASP B 217 -14.12 -65.32 -13.45
N PRO B 218 -14.84 -66.16 -14.22
CA PRO B 218 -14.96 -67.58 -13.86
C PRO B 218 -13.66 -68.35 -14.11
N ILE B 219 -12.71 -68.17 -13.20
CA ILE B 219 -11.40 -68.81 -13.28
C ILE B 219 -11.03 -69.30 -11.88
N PRO B 220 -10.77 -70.62 -11.72
CA PRO B 220 -10.32 -71.13 -10.43
C PRO B 220 -9.05 -70.41 -9.95
N GLY B 221 -9.15 -69.70 -8.84
CA GLY B 221 -8.03 -68.91 -8.30
C GLY B 221 -8.38 -67.46 -8.12
N ARG B 222 -9.04 -66.87 -9.11
CA ARG B 222 -9.47 -65.47 -9.06
C ARG B 222 -10.45 -65.26 -7.92
N ALA B 223 -10.26 -64.18 -7.16
CA ALA B 223 -11.13 -63.86 -6.05
C ALA B 223 -10.99 -62.40 -5.59
N LEU B 224 -12.09 -61.82 -5.13
CA LEU B 224 -12.10 -60.49 -4.55
C LEU B 224 -11.86 -60.60 -3.05
N ILE B 225 -10.76 -60.01 -2.57
CA ILE B 225 -10.43 -60.06 -1.15
C ILE B 225 -10.70 -58.72 -0.48
N LYS B 226 -11.58 -58.73 0.53
CA LYS B 226 -11.92 -57.54 1.30
C LYS B 226 -11.27 -57.62 2.67
N LYS B 227 -10.49 -56.60 3.03
CA LYS B 227 -9.82 -56.56 4.33
C LYS B 227 -10.79 -56.30 5.47
N ASP B 228 -11.56 -55.22 5.35
CA ASP B 228 -12.49 -54.79 6.40
C ASP B 228 -13.91 -54.67 5.86
N ASN B 229 -14.87 -54.84 6.76
CA ASN B 229 -16.29 -54.65 6.43
C ASN B 229 -16.66 -53.18 6.55
N ALA B 230 -17.13 -52.59 5.45
CA ALA B 230 -17.59 -51.20 5.45
C ALA B 230 -18.88 -51.11 6.27
N ALA B 231 -18.88 -50.23 7.27
CA ALA B 231 -19.96 -50.16 8.25
C ALA B 231 -20.76 -48.86 8.13
N LEU B 232 -22.09 -48.99 8.12
CA LEU B 232 -22.99 -47.84 8.21
C LEU B 232 -22.95 -47.34 9.65
N THR B 233 -22.59 -46.07 9.83
CA THR B 233 -22.26 -45.55 11.15
C THR B 233 -22.89 -44.19 11.44
N GLN B 234 -23.33 -44.01 12.69
CA GLN B 234 -23.72 -42.71 13.23
C GLN B 234 -22.51 -42.08 13.90
N ILE B 235 -21.96 -41.04 13.30
CA ILE B 235 -20.79 -40.35 13.86
C ILE B 235 -21.21 -39.58 15.12
N TYR B 236 -20.40 -39.67 16.16
CA TYR B 236 -20.67 -38.98 17.42
C TYR B 236 -20.46 -37.47 17.24
N LEU B 237 -21.23 -36.69 18.00
CA LEU B 237 -21.05 -35.25 18.05
C LEU B 237 -19.77 -34.94 18.82
N PRO B 238 -19.13 -33.79 18.52
CA PRO B 238 -17.88 -33.44 19.20
C PRO B 238 -18.02 -33.27 20.72
N ALA B 239 -19.20 -32.90 21.18
CA ALA B 239 -19.50 -32.84 22.62
C ALA B 239 -20.96 -33.17 22.89
N ASP B 240 -21.30 -33.36 24.16
CA ASP B 240 -22.66 -33.68 24.58
C ASP B 240 -23.55 -32.44 24.50
N GLY B 241 -24.83 -32.66 24.21
CA GLY B 241 -25.80 -31.55 24.11
C GLY B 241 -27.15 -31.97 23.57
N GLU B 242 -28.15 -31.13 23.80
CA GLU B 242 -29.51 -31.39 23.34
C GLU B 242 -29.70 -30.83 21.93
N ASP B 243 -29.28 -29.59 21.73
CA ASP B 243 -29.32 -28.93 20.42
C ASP B 243 -27.92 -28.49 20.00
N ASP B 244 -27.81 -27.80 18.87
CA ASP B 244 -26.51 -27.41 18.31
C ASP B 244 -25.74 -26.40 19.17
N ILE B 245 -26.45 -25.60 19.96
CA ILE B 245 -25.83 -24.55 20.77
C ILE B 245 -25.16 -25.16 22.01
N GLU B 246 -25.87 -26.07 22.68
CA GLU B 246 -25.33 -26.74 23.87
C GLU B 246 -24.11 -27.60 23.56
N VAL B 247 -24.06 -28.16 22.35
CA VAL B 247 -22.89 -28.91 21.88
C VAL B 247 -21.72 -27.96 21.68
N LEU B 248 -21.97 -26.84 20.99
CA LEU B 248 -20.95 -25.82 20.73
C LEU B 248 -20.35 -25.25 22.02
N GLU B 249 -21.18 -25.09 23.04
CA GLU B 249 -20.71 -24.60 24.35
C GLU B 249 -19.82 -25.62 25.06
N ASN B 250 -20.22 -26.90 25.00
CA ASN B 250 -19.40 -27.97 25.58
C ASN B 250 -18.11 -28.19 24.81
N VAL B 251 -18.11 -27.88 23.51
CA VAL B 251 -16.90 -27.90 22.69
C VAL B 251 -15.94 -26.80 23.13
N LYS B 252 -16.47 -25.62 23.43
CA LYS B 252 -15.67 -24.53 23.99
C LYS B 252 -15.18 -24.87 25.40
N ARG B 253 -16.04 -25.52 26.17
CA ARG B 253 -15.70 -25.95 27.54
C ARG B 253 -14.66 -27.07 27.54
N GLU B 254 -14.69 -27.91 26.49
CA GLU B 254 -13.71 -28.98 26.32
C GLU B 254 -12.31 -28.39 26.10
N MET B 255 -12.21 -27.39 25.25
CA MET B 255 -10.93 -26.74 24.95
C MET B 255 -10.40 -25.96 26.14
N GLU B 256 -11.30 -25.45 26.98
CA GLU B 256 -10.93 -24.76 28.21
C GLU B 256 -10.24 -25.72 29.19
N ARG B 257 -10.66 -26.98 29.19
CA ARG B 257 -10.05 -28.01 30.02
C ARG B 257 -8.69 -28.43 29.49
N LEU B 258 -8.56 -28.51 28.17
CA LEU B 258 -7.30 -28.91 27.54
C LEU B 258 -6.17 -27.89 27.76
N LYS B 259 -6.53 -26.61 27.80
CA LYS B 259 -5.58 -25.55 28.12
C LYS B 259 -5.08 -25.66 29.57
N GLU B 260 -5.98 -26.06 30.47
CA GLU B 260 -5.63 -26.28 31.87
C GLU B 260 -4.75 -27.52 32.03
N VAL B 261 -5.07 -28.59 31.30
CA VAL B 261 -4.28 -29.82 31.33
C VAL B 261 -2.90 -29.60 30.73
N TYR B 262 -2.86 -29.06 29.51
CA TYR B 262 -1.61 -28.78 28.82
C TYR B 262 -1.17 -27.34 29.07
N GLN B 263 -0.92 -27.02 30.33
CA GLN B 263 -0.53 -25.66 30.73
C GLN B 263 0.99 -25.48 30.77
N HIS B 264 1.72 -26.53 31.13
CA HIS B 264 3.18 -26.50 31.16
C HIS B 264 3.80 -27.12 29.91
N ILE B 265 3.08 -27.06 28.78
CA ILE B 265 3.50 -27.70 27.54
C ILE B 265 3.76 -26.62 26.49
N PRO B 266 4.88 -26.74 25.74
CA PRO B 266 5.17 -25.74 24.70
C PRO B 266 4.23 -25.86 23.50
N LYS B 267 3.40 -24.84 23.30
CA LYS B 267 2.41 -24.83 22.22
C LYS B 267 3.05 -24.37 20.91
N PRO B 268 2.47 -24.78 19.76
CA PRO B 268 3.03 -24.44 18.46
C PRO B 268 2.76 -22.99 18.07
N LYS B 269 3.77 -22.32 17.50
CA LYS B 269 3.62 -20.95 17.04
C LYS B 269 2.86 -20.89 15.71
N PRO B 270 2.19 -19.75 15.42
CA PRO B 270 1.47 -19.63 14.15
C PRO B 270 2.37 -19.25 12.99
N ILE B 271 1.78 -19.08 11.80
CA ILE B 271 2.51 -18.66 10.62
C ILE B 271 2.78 -17.16 10.72
N PRO B 272 4.06 -16.75 10.69
CA PRO B 272 4.43 -15.34 10.86
C PRO B 272 3.75 -14.39 9.85
N MET B 273 3.10 -13.35 10.37
CA MET B 273 2.45 -12.34 9.53
C MET B 273 2.60 -10.94 10.16
N LEU B 274 2.96 -9.96 9.35
CA LEU B 274 3.13 -8.59 9.81
C LEU B 274 1.77 -7.88 9.93
N PRO B 275 1.59 -7.05 10.97
CA PRO B 275 0.37 -6.23 11.04
C PRO B 275 0.36 -5.09 10.01
N PRO B 276 -0.82 -4.50 9.74
CA PRO B 276 -0.93 -3.39 8.81
C PRO B 276 -0.60 -2.05 9.47
N LEU B 278 1.74 -0.62 12.92
CA LEU B 278 2.55 -0.95 14.09
C LEU B 278 3.14 0.31 14.72
N SER B 279 2.69 0.63 15.94
CA SER B 279 3.21 1.76 16.70
C SER B 279 4.30 1.29 17.67
N MET B 280 5.00 2.25 18.27
CA MET B 280 6.07 1.95 19.22
C MET B 280 5.52 1.38 20.53
N SER B 281 4.37 1.88 20.95
CA SER B 281 3.72 1.39 22.18
C SER B 281 3.29 -0.07 22.06
N VAL B 282 2.79 -0.45 20.89
CA VAL B 282 2.40 -1.83 20.61
C VAL B 282 3.66 -2.71 20.44
N PHE B 283 4.66 -2.17 19.75
CA PHE B 283 5.92 -2.86 19.53
C PHE B 283 6.64 -3.22 20.83
N THR B 284 6.71 -2.26 21.75
CA THR B 284 7.43 -2.43 23.01
C THR B 284 6.73 -3.41 23.97
N ASN B 285 5.40 -3.32 24.05
CA ASN B 285 4.64 -4.11 25.02
C ASN B 285 4.47 -5.58 24.60
N THR B 286 3.83 -5.79 23.45
CA THR B 286 3.42 -7.13 23.02
C THR B 286 4.57 -7.96 22.45
N TYR B 287 5.28 -7.41 21.46
CA TYR B 287 6.28 -8.16 20.71
C TYR B 287 7.60 -8.39 21.45
N VAL B 288 8.12 -7.33 22.08
CA VAL B 288 9.38 -7.44 22.83
C VAL B 288 9.11 -8.08 24.19
N HIS B 290 11.54 -9.96 25.28
CA HIS B 290 12.97 -10.13 25.49
C HIS B 290 13.45 -9.25 26.66
N ARG B 291 13.49 -7.93 26.44
CA ARG B 291 13.82 -6.96 27.49
C ARG B 291 15.15 -7.26 28.19
N ALA B 292 16.25 -6.93 27.55
CA ALA B 292 17.59 -7.20 28.07
C ALA B 292 18.52 -6.01 27.93
N SER B 293 19.55 -5.96 28.77
CA SER B 293 20.54 -4.88 28.75
C SER B 293 21.53 -5.08 27.60
N GLY B 294 21.90 -3.98 26.95
CA GLY B 294 22.82 -4.03 25.81
C GLY B 294 22.14 -4.49 24.53
N PHE B 295 20.85 -4.21 24.40
CA PHE B 295 20.07 -4.60 23.22
C PHE B 295 19.02 -3.53 22.90
N ILE B 296 19.12 -2.95 21.71
CA ILE B 296 18.18 -1.92 21.25
C ILE B 296 17.30 -2.51 20.13
N PRO B 297 16.05 -2.87 20.46
CA PRO B 297 15.15 -3.41 19.43
C PRO B 297 14.66 -2.30 18.49
N VAL B 298 14.94 -2.45 17.20
CA VAL B 298 14.62 -1.43 16.20
C VAL B 298 13.41 -1.77 15.31
N GLY B 299 13.12 -3.06 15.15
CA GLY B 299 11.98 -3.49 14.33
C GLY B 299 11.77 -4.99 14.28
N LEU B 300 10.77 -5.40 13.51
CA LEU B 300 10.45 -6.82 13.32
C LEU B 300 10.87 -7.28 11.94
N ASP B 301 11.53 -8.44 11.86
CA ASP B 301 11.94 -9.01 10.58
C ASP B 301 10.70 -9.39 9.75
N GLU B 302 10.81 -9.22 8.43
CA GLU B 302 9.68 -9.47 7.53
C GLU B 302 9.28 -10.94 7.52
N GLN B 303 10.26 -11.81 7.25
CA GLN B 303 10.02 -13.25 7.16
C GLN B 303 9.73 -13.86 8.52
N THR B 304 10.55 -13.49 9.50
CA THR B 304 10.52 -14.11 10.82
C THR B 304 9.41 -13.54 11.71
N VAL B 305 9.20 -12.23 11.63
CA VAL B 305 8.22 -11.52 12.45
C VAL B 305 8.56 -11.66 13.94
N ARG B 306 9.81 -11.29 14.27
CA ARG B 306 10.27 -11.22 15.65
C ARG B 306 11.26 -10.06 15.80
N PRO B 307 11.45 -9.56 17.03
CA PRO B 307 12.30 -8.37 17.25
C PRO B 307 13.75 -8.56 16.77
N VAL B 308 14.22 -7.60 15.98
CA VAL B 308 15.62 -7.54 15.55
C VAL B 308 16.27 -6.37 16.30
N ALA B 309 17.32 -6.66 17.06
CA ALA B 309 17.93 -5.67 17.94
C ALA B 309 19.42 -5.47 17.66
N ILE B 310 19.92 -4.29 18.05
CA ILE B 310 21.33 -3.94 17.93
C ILE B 310 22.09 -4.41 19.16
N ASN B 311 23.05 -5.31 18.98
CA ASN B 311 23.94 -5.74 20.06
C ASN B 311 24.98 -4.65 20.33
N MET B 312 24.81 -3.94 21.44
CA MET B 312 25.67 -2.80 21.77
C MET B 312 27.11 -3.17 22.10
N ARG B 313 27.32 -4.40 22.58
CA ARG B 313 28.66 -4.86 22.94
C ARG B 313 29.53 -5.07 21.71
N THR B 314 29.06 -5.92 20.79
CA THR B 314 29.80 -6.25 19.57
C THR B 314 29.76 -5.12 18.55
N ASP B 315 28.57 -4.55 18.34
CA ASP B 315 28.36 -3.48 17.37
C ASP B 315 27.83 -2.23 18.06
N PRO B 316 28.75 -1.41 18.64
CA PRO B 316 28.33 -0.24 19.41
C PRO B 316 27.78 0.91 18.58
N HIS B 317 28.39 1.18 17.42
CA HIS B 317 28.00 2.29 16.57
C HIS B 317 26.99 1.84 15.51
N CYS B 318 26.21 2.80 15.00
CA CYS B 318 25.21 2.52 13.97
C CYS B 318 24.87 3.78 13.18
N LEU B 319 24.53 3.60 11.90
CA LEU B 319 24.13 4.70 11.03
C LEU B 319 22.66 4.58 10.62
N ILE B 320 22.04 5.73 10.35
CA ILE B 320 20.67 5.78 9.86
C ILE B 320 20.65 6.45 8.49
N VAL B 321 20.88 5.63 7.46
CA VAL B 321 21.00 6.13 6.08
C VAL B 321 19.65 6.15 5.39
N GLY B 322 19.39 7.23 4.64
CA GLY B 322 18.13 7.36 3.90
C GLY B 322 17.90 8.73 3.32
N GLN B 323 17.04 8.79 2.30
CA GLN B 323 16.69 10.04 1.63
C GLN B 323 15.56 10.77 2.37
N SER B 324 14.60 9.99 2.87
CA SER B 324 13.46 10.54 3.60
C SER B 324 13.86 11.10 4.96
N ARG B 325 13.50 12.35 5.21
CA ARG B 325 13.81 13.02 6.48
C ARG B 325 12.98 12.42 7.62
N LYS B 326 11.69 12.22 7.35
CA LYS B 326 10.76 11.65 8.33
C LYS B 326 11.13 10.22 8.69
N GLY B 327 11.59 9.45 7.69
CA GLY B 327 12.02 8.07 7.89
C GLY B 327 13.22 7.96 8.81
N LYS B 328 14.22 8.81 8.59
CA LYS B 328 15.42 8.84 9.43
C LYS B 328 15.09 9.27 10.86
N THR B 329 14.35 10.36 10.99
CA THR B 329 13.97 10.90 12.29
C THR B 329 13.17 9.89 13.12
N ASN B 330 12.29 9.14 12.45
CA ASN B 330 11.51 8.09 13.11
C ASN B 330 12.39 7.01 13.72
N VAL B 331 13.40 6.58 12.99
CA VAL B 331 14.34 5.55 13.46
C VAL B 331 15.15 6.07 14.65
N VAL B 332 15.53 7.34 14.61
CA VAL B 332 16.25 7.97 15.72
C VAL B 332 15.38 7.97 16.99
N LYS B 333 14.10 8.24 16.82
CA LYS B 333 13.16 8.21 17.95
C LYS B 333 12.95 6.80 18.51
N VAL B 334 12.93 5.80 17.62
CA VAL B 334 12.82 4.39 18.05
C VAL B 334 14.04 3.99 18.89
N ILE B 335 15.22 4.48 18.48
CA ILE B 335 16.45 4.23 19.23
C ILE B 335 16.44 4.97 20.56
N LEU B 336 16.05 6.24 20.52
CA LEU B 336 15.98 7.07 21.74
C LEU B 336 15.02 6.50 22.78
N GLU B 337 13.86 6.02 22.32
CA GLU B 337 12.88 5.40 23.20
C GLU B 337 13.41 4.12 23.84
N SER B 338 14.18 3.35 23.06
CA SER B 338 14.82 2.13 23.57
C SER B 338 15.98 2.43 24.52
N LEU B 339 16.71 3.50 24.25
CA LEU B 339 17.80 3.94 25.13
C LEU B 339 17.30 4.48 26.46
N LEU B 340 16.12 5.07 26.47
CA LEU B 340 15.50 5.58 27.71
C LEU B 340 15.02 4.44 28.61
N VAL B 341 14.65 3.31 28.01
CA VAL B 341 14.29 2.10 28.77
C VAL B 341 15.52 1.56 29.50
N GLN B 342 16.69 1.68 28.87
CA GLN B 342 17.96 1.34 29.51
C GLN B 342 18.31 2.39 30.57
N GLU B 343 19.48 2.25 31.19
CA GLU B 343 19.95 3.21 32.19
C GLU B 343 21.22 3.92 31.69
N PRO B 344 21.06 4.93 30.81
CA PRO B 344 22.21 5.65 30.26
C PRO B 344 22.79 6.69 31.21
N GLU B 345 24.07 7.01 31.02
CA GLU B 345 24.74 8.05 31.78
C GLU B 345 24.36 9.42 31.22
N SER B 346 24.50 9.56 29.90
CA SER B 346 24.17 10.81 29.21
C SER B 346 23.94 10.56 27.72
N ILE B 347 22.91 11.23 27.17
CA ILE B 347 22.60 11.15 25.75
C ILE B 347 22.78 12.53 25.11
N GLY B 348 23.76 12.65 24.22
CA GLY B 348 24.05 13.90 23.53
C GLY B 348 23.28 14.01 22.24
N LEU B 349 22.06 14.52 22.32
CA LEU B 349 21.16 14.63 21.17
C LEU B 349 21.41 15.90 20.38
N LEU B 350 22.05 15.77 19.22
CA LEU B 350 22.28 16.89 18.31
C LEU B 350 21.19 16.92 17.24
N ASP B 351 20.16 17.72 17.47
CA ASP B 351 19.04 17.84 16.56
C ASP B 351 19.40 18.73 15.37
N GLY B 352 18.76 18.49 14.23
CA GLY B 352 19.00 19.28 13.02
C GLY B 352 18.31 20.63 13.06
N ILE B 353 18.45 21.39 11.98
CA ILE B 353 17.86 22.73 11.86
C ILE B 353 16.33 22.66 11.69
N ASP B 354 15.84 21.55 11.14
CA ASP B 354 14.41 21.36 10.94
C ASP B 354 13.62 21.24 12.24
N ARG B 355 14.27 20.75 13.29
CA ARG B 355 13.64 20.46 14.58
C ARG B 355 12.58 19.35 14.48
N GLY B 356 12.13 18.86 15.62
CA GLY B 356 11.22 17.72 15.68
C GLY B 356 11.50 16.85 16.90
N LEU B 357 12.78 16.76 17.27
CA LEU B 357 13.20 16.06 18.48
C LEU B 357 13.31 17.00 19.68
N ALA B 358 12.62 18.14 19.61
CA ALA B 358 12.57 19.08 20.73
C ALA B 358 11.71 18.56 21.88
N GLY B 359 10.78 17.66 21.58
CA GLY B 359 9.98 16.99 22.60
C GLY B 359 10.81 16.08 23.50
N TYR B 360 11.87 15.50 22.95
CA TYR B 360 12.78 14.65 23.71
C TYR B 360 13.71 15.45 24.64
N ALA B 361 13.80 16.76 24.42
CA ALA B 361 14.51 17.64 25.35
C ALA B 361 13.71 17.77 26.65
N ASN B 362 14.37 18.30 27.68
CA ASN B 362 13.78 18.41 29.03
C ASN B 362 13.40 17.05 29.63
N ARG B 363 14.19 16.02 29.30
CA ARG B 363 14.04 14.69 29.87
C ARG B 363 15.33 14.30 30.58
N ASP B 364 15.22 13.40 31.55
CA ASP B 364 16.39 12.93 32.30
C ASP B 364 17.33 12.12 31.41
N ASP B 365 18.63 12.28 31.64
CA ASP B 365 19.68 11.61 30.87
C ASP B 365 19.67 11.99 29.39
N ILE B 366 19.29 13.23 29.09
CA ILE B 366 19.32 13.75 27.73
C ILE B 366 19.80 15.21 27.73
N THR B 367 20.70 15.53 26.81
CA THR B 367 21.21 16.89 26.64
C THR B 367 20.94 17.35 25.21
N TYR B 368 20.02 18.32 25.07
CA TYR B 368 19.62 18.82 23.75
C TYR B 368 20.67 19.80 23.21
N ILE B 369 21.50 19.32 22.30
CA ILE B 369 22.59 20.13 21.73
C ILE B 369 22.07 20.87 20.48
N GLU B 370 22.52 22.11 20.32
CA GLU B 370 22.12 22.95 19.19
C GLU B 370 23.34 23.60 18.56
N ARG B 374 27.40 24.40 23.08
CA ARG B 374 26.89 23.41 24.02
C ARG B 374 27.47 22.01 23.75
N LEU B 375 27.83 21.75 22.50
CA LEU B 375 28.43 20.47 22.10
C LEU B 375 29.77 20.25 22.81
N ALA B 376 30.60 21.29 22.84
CA ALA B 376 31.91 21.23 23.50
C ALA B 376 31.79 20.90 24.99
N GLN B 377 30.75 21.41 25.64
CA GLN B 377 30.49 21.13 27.05
C GLN B 377 30.14 19.66 27.28
N TRP B 378 29.33 19.10 26.40
CA TRP B 378 28.92 17.69 26.50
C TRP B 378 30.07 16.74 26.22
N LEU B 379 30.93 17.09 25.27
CA LEU B 379 32.10 16.28 24.95
C LEU B 379 33.09 16.20 26.12
N ASN B 380 33.18 17.29 26.89
CA ASN B 380 34.02 17.31 28.09
C ASN B 380 33.46 16.40 29.18
N GLU B 381 32.15 16.44 29.37
CA GLU B 381 31.48 15.56 30.34
C GLU B 381 31.57 14.10 29.93
N ALA B 382 31.41 13.84 28.64
CA ALA B 382 31.51 12.47 28.09
C ALA B 382 32.93 11.94 28.20
N ASP B 383 33.90 12.75 27.79
CA ASP B 383 35.32 12.36 27.84
C ASP B 383 35.79 12.12 29.27
N ALA B 384 35.29 12.93 30.21
CA ALA B 384 35.63 12.79 31.62
C ALA B 384 35.22 11.42 32.17
N VAL B 385 34.05 10.94 31.76
CA VAL B 385 33.56 9.62 32.17
C VAL B 385 34.31 8.52 31.43
N LEU B 386 34.47 8.69 30.12
CA LEU B 386 35.13 7.68 29.27
C LEU B 386 36.62 7.51 29.58
N GLN B 387 37.26 8.57 30.05
CA GLN B 387 38.65 8.48 30.52
C GLN B 387 38.74 7.62 31.78
N GLN B 388 37.78 7.80 32.69
CA GLN B 388 37.69 7.00 33.91
C GLN B 388 37.35 5.53 33.59
N ARG B 389 36.54 5.33 32.56
CA ARG B 389 36.20 3.97 32.09
C ARG B 389 37.43 3.24 31.56
N GLU B 390 38.29 3.96 30.84
CA GLU B 390 39.51 3.39 30.28
C GLU B 390 40.51 2.96 31.37
N ARG B 391 40.56 3.72 32.46
CA ARG B 391 41.45 3.41 33.58
C ARG B 391 41.03 2.15 34.34
N GLU B 392 39.72 1.92 34.45
CA GLU B 392 39.20 0.72 35.09
C GLU B 392 39.48 -0.52 34.25
N TYR B 393 39.35 -0.39 32.92
CA TYR B 393 39.67 -1.47 32.00
C TYR B 393 41.18 -1.60 31.82
N TRP B 407 28.69 -1.40 31.26
CA TRP B 407 28.61 -0.05 31.79
C TRP B 407 27.35 0.68 31.31
N PRO B 408 27.00 1.80 31.95
CA PRO B 408 25.94 2.67 31.43
C PRO B 408 26.35 3.30 30.09
N PRO B 409 25.49 3.21 29.07
CA PRO B 409 25.85 3.72 27.74
C PRO B 409 25.92 5.25 27.66
N VAL B 410 27.04 5.75 27.13
CA VAL B 410 27.20 7.18 26.83
C VAL B 410 26.98 7.38 25.34
N VAL B 411 25.76 7.79 24.99
CA VAL B 411 25.33 7.85 23.59
C VAL B 411 25.46 9.26 23.01
N PHE B 412 25.81 9.34 21.72
CA PHE B 412 25.87 10.60 20.99
C PHE B 412 24.98 10.50 19.74
N VAL B 413 23.75 10.98 19.87
CA VAL B 413 22.76 10.89 18.81
C VAL B 413 22.83 12.14 17.92
N VAL B 414 22.89 11.92 16.61
CA VAL B 414 22.95 13.00 15.63
C VAL B 414 21.83 12.84 14.59
N ASP B 415 20.88 13.77 14.60
CA ASP B 415 19.74 13.74 13.70
C ASP B 415 20.10 14.13 12.27
N SER B 416 21.13 14.97 12.12
CA SER B 416 21.58 15.42 10.81
C SER B 416 23.11 15.47 10.74
N LEU B 417 23.68 14.71 9.81
CA LEU B 417 25.13 14.68 9.60
C LEU B 417 25.65 16.01 9.04
N LEU B 418 24.83 16.67 8.22
CA LEU B 418 25.20 17.95 7.62
C LEU B 418 25.25 19.05 8.69
N ARG B 419 24.35 18.98 9.66
CA ARG B 419 24.33 19.94 10.78
C ARG B 419 25.56 19.75 11.69
N LEU B 420 26.00 18.50 11.85
CA LEU B 420 27.22 18.20 12.60
C LEU B 420 28.45 18.81 11.92
N GLN B 421 28.49 18.73 10.59
CA GLN B 421 29.57 19.34 9.82
C GLN B 421 29.41 20.86 9.78
N GLU B 423 28.59 22.79 12.55
CA GLU B 423 28.74 23.09 13.97
C GLU B 423 30.07 22.59 14.54
N THR B 424 31.00 22.24 13.66
CA THR B 424 32.33 21.76 14.08
C THR B 424 33.42 22.29 13.14
N MET B 428 37.81 20.08 16.33
CA MET B 428 36.68 19.50 17.04
C MET B 428 36.19 18.22 16.36
N GLN B 429 36.25 18.18 15.04
CA GLN B 429 35.90 16.99 14.27
C GLN B 429 36.86 15.83 14.56
N GLY B 430 38.15 16.15 14.66
CA GLY B 430 39.17 15.17 14.98
C GLY B 430 39.05 14.60 16.38
N ARG B 431 38.56 15.42 17.31
CA ARG B 431 38.36 14.99 18.70
C ARG B 431 37.28 13.91 18.81
N ILE B 432 36.18 14.10 18.09
CA ILE B 432 35.07 13.15 18.11
C ILE B 432 35.48 11.82 17.48
N ALA B 433 36.28 11.90 16.41
CA ALA B 433 36.82 10.71 15.75
C ALA B 433 37.75 9.92 16.67
N ASN B 434 38.55 10.64 17.46
CA ASN B 434 39.43 10.01 18.45
C ASN B 434 38.65 9.32 19.57
N MET B 435 37.54 9.93 20.00
CA MET B 435 36.69 9.35 21.03
C MET B 435 36.07 8.02 20.61
N MET B 436 35.78 7.88 19.31
CA MET B 436 35.22 6.64 18.78
C MET B 436 36.23 5.50 18.85
N LYS B 437 37.36 5.67 18.16
CA LYS B 437 38.39 4.63 18.09
C LYS B 437 38.95 4.24 19.47
N GLN B 438 39.06 5.21 20.37
CA GLN B 438 39.63 4.99 21.70
C GLN B 438 38.64 4.30 22.64
N TYR B 439 37.43 4.84 22.73
CA TYR B 439 36.46 4.42 23.75
C TYR B 439 35.31 3.57 23.22
N SER B 440 35.48 2.94 22.06
CA SER B 440 34.44 2.09 21.46
C SER B 440 34.03 0.92 22.36
N HIS B 441 35.00 0.37 23.09
CA HIS B 441 34.77 -0.80 23.95
C HIS B 441 34.51 -0.41 25.43
N LEU B 442 34.21 0.86 25.69
CA LEU B 442 34.01 1.34 27.05
C LEU B 442 32.66 2.05 27.20
N GLY B 443 31.62 1.47 26.59
CA GLY B 443 30.25 1.98 26.72
C GLY B 443 29.97 3.28 25.99
N PHE B 444 30.75 3.58 24.96
CA PHE B 444 30.50 4.75 24.11
C PHE B 444 29.79 4.31 22.83
N HIS B 445 28.76 5.05 22.45
CA HIS B 445 27.95 4.72 21.28
C HIS B 445 27.65 5.98 20.46
N VAL B 446 27.49 5.80 19.16
CA VAL B 446 27.27 6.92 18.23
C VAL B 446 26.21 6.54 17.21
N PHE B 447 25.17 7.36 17.10
CA PHE B 447 24.08 7.14 16.15
C PHE B 447 23.90 8.38 15.28
N VAL B 448 24.36 8.29 14.03
CA VAL B 448 24.29 9.43 13.10
C VAL B 448 23.30 9.15 11.97
N ALA B 449 22.58 10.19 11.57
CA ALA B 449 21.58 10.10 10.51
C ALA B 449 21.91 11.08 9.38
N GLY B 450 21.62 10.68 8.15
CA GLY B 450 21.87 11.53 6.99
C GLY B 450 21.74 10.77 5.68
N ASN B 451 21.80 11.51 4.57
CA ASN B 451 21.73 10.90 3.24
C ASN B 451 23.00 10.12 2.90
N ALA B 452 22.89 9.22 1.93
CA ALA B 452 24.02 8.40 1.49
C ALA B 452 25.14 9.24 0.88
N ASN B 453 24.77 10.36 0.25
CA ASN B 453 25.74 11.28 -0.35
C ASN B 453 26.56 12.04 0.70
N GLU B 454 25.96 12.31 1.86
CA GLU B 454 26.63 13.06 2.93
C GLU B 454 27.78 12.26 3.56
N PHE B 455 27.53 10.98 3.82
CA PHE B 455 28.57 10.09 4.34
C PHE B 455 29.68 9.89 3.31
N VAL B 456 29.29 9.58 2.08
CA VAL B 456 30.23 9.35 0.99
C VAL B 456 30.47 10.65 0.22
N GLY B 458 32.16 13.30 2.16
CA GLY B 458 32.97 13.78 3.27
C GLY B 458 34.32 13.11 3.33
N ASP B 460 36.38 14.61 5.38
CA ASP B 460 36.98 15.12 6.61
C ASP B 460 37.28 13.99 7.60
N ALA B 461 37.93 14.33 8.71
CA ALA B 461 38.37 13.34 9.71
C ALA B 461 37.21 12.61 10.39
N LEU B 462 36.16 13.35 10.75
CA LEU B 462 35.00 12.79 11.45
C LEU B 462 34.19 11.87 10.53
N THR B 463 33.85 12.36 9.35
CA THR B 463 33.04 11.61 8.38
C THR B 463 33.76 10.36 7.85
N ALA B 464 35.09 10.43 7.78
CA ALA B 464 35.90 9.29 7.33
C ALA B 464 35.82 8.11 8.30
N GLU B 465 35.63 8.40 9.58
CA GLU B 465 35.48 7.34 10.60
C GLU B 465 34.07 6.76 10.60
N LEU B 466 33.06 7.61 10.36
CA LEU B 466 31.66 7.17 10.35
C LEU B 466 31.34 6.22 9.22
N LYS B 467 31.86 6.49 8.02
CA LYS B 467 31.62 5.65 6.84
C LYS B 467 32.13 4.21 7.00
N GLN B 468 33.15 4.03 7.84
CA GLN B 468 33.71 2.69 8.10
C GLN B 468 32.84 1.82 9.02
N ILE B 469 31.80 2.40 9.62
CA ILE B 469 30.89 1.64 10.48
C ILE B 469 30.04 0.70 9.61
N ARG B 470 30.01 -0.57 9.99
CA ARG B 470 29.35 -1.61 9.20
C ARG B 470 27.87 -1.82 9.54
N GLN B 471 27.49 -1.54 10.78
CA GLN B 471 26.11 -1.65 11.21
C GLN B 471 25.32 -0.42 10.79
N ALA B 472 24.11 -0.61 10.28
CA ALA B 472 23.26 0.51 9.85
C ALA B 472 21.79 0.13 9.67
N ILE B 473 20.93 1.14 9.72
CA ILE B 473 19.50 0.99 9.48
C ILE B 473 19.14 1.82 8.25
N LEU B 474 18.88 1.15 7.13
CA LEU B 474 18.52 1.82 5.89
C LEU B 474 17.02 2.09 5.82
N VAL B 475 16.65 3.33 5.53
CA VAL B 475 15.23 3.67 5.27
C VAL B 475 15.07 4.09 3.81
N THR B 476 15.71 3.32 2.93
CA THR B 476 15.67 3.56 1.49
C THR B 476 16.07 2.26 0.78
N LYS B 477 16.00 2.26 -0.55
CA LYS B 477 16.40 1.09 -1.33
C LYS B 477 17.90 0.83 -1.23
N LYS B 478 18.29 -0.43 -1.42
CA LYS B 478 19.69 -0.82 -1.44
C LYS B 478 20.38 -0.32 -2.71
N SER B 479 19.60 -0.18 -3.80
CA SER B 479 20.11 0.35 -5.06
C SER B 479 20.29 1.86 -5.03
N GLU B 480 19.59 2.55 -4.13
CA GLU B 480 19.67 4.01 -3.99
C GLU B 480 20.78 4.48 -3.03
N GLN B 481 21.85 3.70 -2.92
CA GLN B 481 22.99 4.06 -2.06
C GLN B 481 24.25 3.30 -2.47
N SER B 482 25.41 3.90 -2.19
CA SER B 482 26.70 3.32 -2.55
C SER B 482 27.66 3.28 -1.36
N LEU B 483 27.10 3.15 -0.15
CA LEU B 483 27.90 3.08 1.07
C LEU B 483 28.18 1.64 1.46
N PHE B 484 27.12 0.83 1.54
CA PHE B 484 27.23 -0.58 1.89
C PHE B 484 27.07 -1.47 0.66
N ALA B 485 28.09 -2.27 0.38
CA ALA B 485 28.08 -3.18 -0.76
C ALA B 485 27.31 -4.46 -0.42
N LEU B 486 25.98 -4.36 -0.46
CA LEU B 486 25.10 -5.49 -0.15
C LEU B 486 24.91 -6.39 -1.38
N PRO B 487 24.42 -7.63 -1.16
CA PRO B 487 24.15 -8.52 -2.30
C PRO B 487 23.13 -7.97 -3.28
N GLU B 492 14.49 -5.44 -6.47
CA GLU B 492 13.93 -5.29 -5.13
C GLU B 492 12.62 -4.49 -5.15
N GLN B 493 11.84 -4.62 -4.08
CA GLN B 493 10.55 -3.95 -3.97
C GLN B 493 10.70 -2.52 -3.47
N GLU B 494 9.62 -1.74 -3.62
CA GLU B 494 9.60 -0.36 -3.16
C GLU B 494 9.56 -0.29 -1.63
N ILE B 495 10.26 0.70 -1.07
CA ILE B 495 10.34 0.87 0.37
C ILE B 495 9.30 1.91 0.83
N GLU B 496 8.22 1.42 1.42
CA GLU B 496 7.14 2.28 1.90
C GLU B 496 7.49 2.83 3.28
N PRO B 497 6.72 3.83 3.77
CA PRO B 497 6.92 4.31 5.14
C PRO B 497 6.71 3.21 6.19
N GLY B 498 7.54 3.22 7.23
CA GLY B 498 7.49 2.20 8.28
C GLY B 498 8.16 0.90 7.88
N PHE B 499 9.14 0.98 6.98
CA PHE B 499 9.90 -0.18 6.53
C PHE B 499 11.35 0.20 6.25
N GLY B 500 12.24 -0.79 6.26
CA GLY B 500 13.66 -0.55 6.01
C GLY B 500 14.50 -1.80 6.18
N TYR B 501 15.80 -1.68 5.90
CA TYR B 501 16.73 -2.79 6.03
C TYR B 501 17.65 -2.60 7.23
N PHE B 502 18.05 -3.72 7.84
CA PHE B 502 19.00 -3.71 8.96
C PHE B 502 20.30 -4.39 8.54
N VAL B 503 21.28 -3.57 8.16
CA VAL B 503 22.59 -4.08 7.73
C VAL B 503 23.50 -4.28 8.93
N VAL B 504 24.22 -5.41 8.94
CA VAL B 504 25.17 -5.70 10.01
C VAL B 504 26.17 -6.78 9.58
N GLY B 505 27.46 -6.45 9.62
CA GLY B 505 28.53 -7.39 9.29
C GLY B 505 28.45 -7.97 7.89
N GLY B 506 28.04 -7.16 6.91
CA GLY B 506 27.93 -7.59 5.52
C GLY B 506 26.52 -8.02 5.14
N LYS B 507 25.88 -8.80 6.00
CA LYS B 507 24.53 -9.31 5.74
C LYS B 507 23.48 -8.22 5.92
N ASP B 508 22.26 -8.49 5.46
CA ASP B 508 21.15 -7.56 5.55
C ASP B 508 19.81 -8.28 5.71
N GLN B 509 18.82 -7.57 6.25
CA GLN B 509 17.49 -8.12 6.46
C GLN B 509 16.44 -7.01 6.50
N LYS B 510 15.35 -7.20 5.77
CA LYS B 510 14.26 -6.21 5.73
C LYS B 510 13.44 -6.28 7.01
N ILE B 511 13.10 -5.12 7.55
CA ILE B 511 12.37 -5.04 8.82
C ILE B 511 11.22 -4.03 8.75
N GLN B 512 10.26 -4.19 9.67
CA GLN B 512 9.16 -3.25 9.83
C GLN B 512 9.49 -2.31 10.99
N ILE B 513 9.75 -1.05 10.67
CA ILE B 513 10.09 -0.05 11.67
C ILE B 513 8.82 0.50 12.29
N PRO B 514 8.71 0.48 13.64
CA PRO B 514 7.50 0.98 14.29
C PRO B 514 7.44 2.51 14.31
N LYS B 515 6.24 3.05 14.17
CA LYS B 515 6.04 4.49 14.12
C LYS B 515 5.88 5.05 15.53
N VAL B 516 6.76 5.97 15.90
CA VAL B 516 6.70 6.62 17.21
C VAL B 516 5.69 7.78 17.17
N GLU B 517 4.70 7.72 18.05
CA GLU B 517 3.62 8.71 18.06
C GLU B 517 4.08 10.02 18.69
#